data_6JYV
#
_entry.id   6JYV
#
_cell.length_a   42.510
_cell.length_b   115.690
_cell.length_c   68.830
_cell.angle_alpha   90.00
_cell.angle_beta   90.90
_cell.angle_gamma   90.00
#
_symmetry.space_group_name_H-M   'P 1 21 1'
#
loop_
_entity.id
_entity.type
_entity.pdbx_description
1 polymer 'Probable iron/ascorbate oxidoreductase'
2 non-polymer 'SODIUM ION'
3 water water
#
_entity_poly.entity_id   1
_entity_poly.type   'polypeptide(L)'
_entity_poly.pdbx_seq_one_letter_code
;GPLGSMSTPSLPIIDIAALAGSDPAARRSVAVRIDRACREQGFFYVVGHGVEAQLVERLERLARQFFALDETSKLRWRME
LGGRAWRGYFPLGGELTSNRPDWKEGLYLGSELDAEHPEVRAGTPLHGANLFPEVPGLRETLLEYLDATTRVGHRLMEGI
ALGLGLEADYFAARYTGDPLILFRLFNYPSQPVPEGLDVQWGVGEHTDYGLLTLLHQDAIGGLQVRTPQGWLEAPPIPGS
FVCNLGDMLERMTGGLYRSTPHRVARNTSGRDRLSFPLFFDPNFHARVQPIEGLPEVPEQDDSARRWDQANVHAFHGEYG
DYLLNKVAKVFPQLRRDLL
;
_entity_poly.pdbx_strand_id   A,B
#
# COMPACT_ATOMS: atom_id res chain seq x y z
N SER A 10 -19.45 30.21 -10.27
CA SER A 10 -18.90 30.79 -11.48
C SER A 10 -18.74 29.73 -12.59
N LEU A 11 -18.86 28.44 -12.24
CA LEU A 11 -19.07 27.44 -13.29
C LEU A 11 -20.48 27.57 -13.84
N PRO A 12 -20.65 27.33 -15.14
CA PRO A 12 -22.01 27.32 -15.72
C PRO A 12 -22.90 26.28 -15.07
N ILE A 13 -24.19 26.63 -14.94
CA ILE A 13 -25.26 25.72 -14.49
C ILE A 13 -26.20 25.53 -15.66
N ILE A 14 -26.18 24.34 -16.26
CA ILE A 14 -26.88 24.09 -17.51
C ILE A 14 -28.06 23.16 -17.28
N ASP A 15 -29.25 23.60 -17.67
CA ASP A 15 -30.43 22.74 -17.65
C ASP A 15 -30.46 21.90 -18.93
N ILE A 16 -30.44 20.58 -18.79
CA ILE A 16 -30.33 19.68 -19.93
C ILE A 16 -31.65 18.97 -20.24
N ALA A 17 -32.77 19.48 -19.73
CA ALA A 17 -34.03 18.75 -19.87
C ALA A 17 -34.38 18.54 -21.34
N ALA A 18 -34.06 19.51 -22.20
CA ALA A 18 -34.46 19.39 -23.59
C ALA A 18 -33.75 18.23 -24.27
N LEU A 19 -32.64 17.75 -23.71
CA LEU A 19 -31.90 16.67 -24.36
C LEU A 19 -32.61 15.33 -24.24
N ALA A 20 -33.56 15.20 -23.32
CA ALA A 20 -34.43 14.04 -23.22
C ALA A 20 -35.57 14.09 -24.23
N GLY A 21 -35.79 15.22 -24.88
CA GLY A 21 -36.85 15.40 -25.83
C GLY A 21 -36.34 15.47 -27.26
N SER A 22 -37.22 15.95 -28.15
CA SER A 22 -36.93 15.96 -29.57
C SER A 22 -37.21 17.31 -30.21
N ASP A 23 -37.10 18.38 -29.43
CA ASP A 23 -37.33 19.74 -29.96
C ASP A 23 -36.01 20.28 -30.48
N PRO A 24 -35.82 20.45 -31.78
CA PRO A 24 -34.49 20.85 -32.27
C PRO A 24 -34.01 22.17 -31.70
N ALA A 25 -34.91 23.14 -31.50
CA ALA A 25 -34.48 24.45 -31.02
C ALA A 25 -34.13 24.43 -29.54
N ALA A 26 -34.90 23.69 -28.74
CA ALA A 26 -34.56 23.57 -27.33
C ALA A 26 -33.27 22.78 -27.15
N ARG A 27 -33.05 21.76 -27.98
CA ARG A 27 -31.81 21.00 -27.90
C ARG A 27 -30.63 21.82 -28.37
N ARG A 28 -30.81 22.58 -29.46
CA ARG A 28 -29.75 23.46 -29.91
C ARG A 28 -29.35 24.45 -28.82
N SER A 29 -30.31 24.98 -28.06
CA SER A 29 -29.99 25.97 -27.04
C SER A 29 -29.12 25.35 -25.95
N VAL A 30 -29.44 24.12 -25.56
CA VAL A 30 -28.60 23.43 -24.57
C VAL A 30 -27.23 23.15 -25.17
N ALA A 31 -27.19 22.68 -26.41
CA ALA A 31 -25.91 22.39 -27.05
C ALA A 31 -25.01 23.61 -27.11
N VAL A 32 -25.59 24.80 -27.34
CA VAL A 32 -24.75 25.98 -27.40
C VAL A 32 -24.08 26.25 -26.06
N ARG A 33 -24.83 26.08 -24.96
CA ARG A 33 -24.24 26.27 -23.63
C ARG A 33 -23.19 25.22 -23.31
N ILE A 34 -23.47 23.96 -23.64
CA ILE A 34 -22.49 22.91 -23.42
C ILE A 34 -21.21 23.19 -24.20
N ASP A 35 -21.34 23.61 -25.46
CA ASP A 35 -20.15 23.88 -26.25
C ASP A 35 -19.29 24.96 -25.59
N ARG A 36 -19.90 26.03 -25.11
CA ARG A 36 -19.15 27.11 -24.51
C ARG A 36 -18.46 26.67 -23.23
N ALA A 37 -19.20 25.96 -22.37
CA ALA A 37 -18.62 25.47 -21.13
C ALA A 37 -17.46 24.52 -21.39
N CYS A 38 -17.59 23.65 -22.39
CA CYS A 38 -16.55 22.69 -22.71
C CYS A 38 -15.32 23.37 -23.29
N ARG A 39 -15.52 24.41 -24.10
CA ARG A 39 -14.37 25.10 -24.66
C ARG A 39 -13.64 25.96 -23.64
N GLU A 40 -14.36 26.52 -22.67
CA GLU A 40 -13.80 27.57 -21.82
C GLU A 40 -13.38 27.06 -20.44
N GLN A 41 -14.19 26.21 -19.80
CA GLN A 41 -13.86 25.71 -18.47
C GLN A 41 -13.66 24.20 -18.41
N GLY A 42 -14.36 23.44 -19.24
CA GLY A 42 -14.27 22.00 -19.16
C GLY A 42 -15.02 21.40 -18.01
N PHE A 43 -15.89 22.17 -17.36
CA PHE A 43 -16.64 21.76 -16.18
C PHE A 43 -17.95 22.52 -16.24
N PHE A 44 -19.05 21.87 -15.85
CA PHE A 44 -20.29 22.57 -15.69
C PHE A 44 -21.24 21.77 -14.79
N TYR A 45 -22.14 22.47 -14.12
CA TYR A 45 -23.21 21.78 -13.43
C TYR A 45 -24.30 21.39 -14.41
N VAL A 46 -24.99 20.30 -14.11
CA VAL A 46 -26.13 19.80 -14.88
C VAL A 46 -27.35 19.74 -13.96
N VAL A 47 -28.43 20.42 -14.37
CA VAL A 47 -29.72 20.38 -13.68
C VAL A 47 -30.80 20.01 -14.69
N GLY A 48 -32.00 19.75 -14.17
CA GLY A 48 -33.08 19.29 -15.02
C GLY A 48 -32.83 17.94 -15.64
N HIS A 49 -32.05 17.11 -14.98
CA HIS A 49 -31.61 15.84 -15.52
C HIS A 49 -32.57 14.71 -15.24
N GLY A 50 -33.49 14.88 -14.30
CA GLY A 50 -34.53 13.89 -14.10
C GLY A 50 -34.19 12.75 -13.16
N VAL A 51 -32.99 12.71 -12.61
CA VAL A 51 -32.67 11.66 -11.64
C VAL A 51 -33.33 12.05 -10.32
N GLU A 52 -34.11 11.13 -9.78
CA GLU A 52 -35.01 11.45 -8.68
C GLU A 52 -34.25 11.81 -7.41
N ALA A 53 -34.68 12.92 -6.81
CA ALA A 53 -34.06 13.44 -5.60
C ALA A 53 -34.11 12.42 -4.48
N GLN A 54 -35.19 11.65 -4.39
CA GLN A 54 -35.31 10.68 -3.31
C GLN A 54 -34.32 9.54 -3.49
N LEU A 55 -34.11 9.11 -4.73
CA LEU A 55 -33.08 8.11 -5.02
C LEU A 55 -31.68 8.61 -4.63
N VAL A 56 -31.39 9.87 -4.95
CA VAL A 56 -30.08 10.43 -4.60
C VAL A 56 -29.91 10.46 -3.08
N GLU A 57 -30.93 10.92 -2.33
CA GLU A 57 -30.78 10.94 -0.88
C GLU A 57 -30.62 9.52 -0.31
N ARG A 58 -31.41 8.57 -0.79
CA ARG A 58 -31.27 7.20 -0.29
C ARG A 58 -29.88 6.65 -0.57
N LEU A 59 -29.35 6.91 -1.77
CA LEU A 59 -27.98 6.50 -2.08
C LEU A 59 -27.00 7.08 -1.07
N GLU A 60 -27.10 8.38 -0.83
CA GLU A 60 -26.16 8.99 0.11
C GLU A 60 -26.27 8.39 1.49
N ARG A 61 -27.50 8.16 1.96
CA ARG A 61 -27.67 7.62 3.30
C ARG A 61 -27.17 6.19 3.41
N LEU A 62 -27.46 5.36 2.41
CA LEU A 62 -27.04 3.96 2.48
C LEU A 62 -25.54 3.83 2.28
N ALA A 63 -24.96 4.69 1.45
CA ALA A 63 -23.51 4.77 1.37
C ALA A 63 -22.93 5.16 2.73
N ARG A 64 -23.53 6.18 3.36
CA ARG A 64 -23.05 6.60 4.67
C ARG A 64 -23.13 5.45 5.67
N GLN A 65 -24.23 4.69 5.63
CA GLN A 65 -24.40 3.57 6.54
C GLN A 65 -23.31 2.53 6.30
N PHE A 66 -22.98 2.27 5.03
CA PHE A 66 -21.92 1.32 4.71
C PHE A 66 -20.58 1.77 5.32
N PHE A 67 -20.19 3.01 5.09
CA PHE A 67 -18.86 3.41 5.55
C PHE A 67 -18.80 3.51 7.07
N ALA A 68 -19.94 3.58 7.74
CA ALA A 68 -19.95 3.58 9.19
C ALA A 68 -19.81 2.20 9.79
N LEU A 69 -19.89 1.15 8.98
CA LEU A 69 -19.53 -0.19 9.46
C LEU A 69 -18.06 -0.24 9.90
N ASP A 70 -17.76 -1.16 10.81
CA ASP A 70 -16.37 -1.35 11.21
C ASP A 70 -15.55 -1.86 10.03
N GLU A 71 -14.26 -1.57 10.06
CA GLU A 71 -13.39 -1.96 8.96
C GLU A 71 -13.41 -3.46 8.69
N THR A 72 -13.36 -4.30 9.74
CA THR A 72 -13.39 -5.74 9.50
C THR A 72 -14.62 -6.14 8.68
N SER A 73 -15.78 -5.54 8.97
CA SER A 73 -16.98 -5.82 8.17
C SER A 73 -16.81 -5.37 6.74
N LYS A 74 -16.35 -4.13 6.54
CA LYS A 74 -16.24 -3.59 5.18
C LYS A 74 -15.28 -4.42 4.33
N LEU A 75 -14.25 -4.96 4.94
CA LEU A 75 -13.27 -5.79 4.24
C LEU A 75 -13.85 -7.11 3.76
N ARG A 76 -15.03 -7.50 4.23
CA ARG A 76 -15.71 -8.65 3.65
C ARG A 76 -15.98 -8.50 2.16
N TRP A 77 -15.96 -7.27 1.65
CA TRP A 77 -16.28 -6.99 0.24
C TRP A 77 -15.11 -6.28 -0.44
N ARG A 78 -13.90 -6.49 0.08
CA ARG A 78 -12.71 -5.76 -0.40
C ARG A 78 -12.32 -6.15 -1.82
N MET A 79 -11.67 -5.19 -2.51
CA MET A 79 -11.30 -5.35 -3.92
C MET A 79 -10.41 -6.57 -4.14
N GLU A 80 -9.64 -6.97 -3.12
CA GLU A 80 -8.78 -8.15 -3.21
C GLU A 80 -9.58 -9.42 -3.45
N LEU A 81 -10.89 -9.39 -3.20
CA LEU A 81 -11.80 -10.47 -3.54
C LEU A 81 -12.52 -10.25 -4.87
N GLY A 82 -12.43 -9.08 -5.49
CA GLY A 82 -13.27 -8.78 -6.65
C GLY A 82 -12.80 -9.24 -8.01
N GLY A 83 -11.55 -9.66 -8.17
CA GLY A 83 -11.05 -10.14 -9.46
C GLY A 83 -10.94 -9.09 -10.55
N ARG A 84 -10.87 -9.59 -11.80
CA ARG A 84 -10.60 -8.72 -12.94
C ARG A 84 -11.74 -7.76 -13.26
N ALA A 85 -12.93 -7.90 -12.66
CA ALA A 85 -14.02 -6.95 -12.91
C ALA A 85 -13.75 -5.56 -12.35
N TRP A 86 -12.83 -5.44 -11.38
CA TRP A 86 -12.41 -4.18 -10.81
C TRP A 86 -13.50 -3.65 -9.89
N ARG A 87 -13.69 -4.34 -8.78
CA ARG A 87 -14.81 -4.06 -7.91
C ARG A 87 -14.45 -4.32 -6.45
N GLY A 88 -15.08 -3.56 -5.56
CA GLY A 88 -15.02 -3.84 -4.13
C GLY A 88 -14.51 -2.68 -3.30
N TYR A 89 -14.34 -2.97 -2.00
CA TYR A 89 -14.02 -1.97 -0.99
C TYR A 89 -12.52 -1.81 -0.85
N PHE A 90 -12.09 -0.57 -0.66
CA PHE A 90 -10.72 -0.32 -0.34
C PHE A 90 -10.64 0.54 0.87
N PRO A 91 -9.77 0.22 1.85
CA PRO A 91 -9.69 0.95 3.08
C PRO A 91 -8.78 2.17 3.01
N LEU A 92 -8.85 2.97 4.07
CA LEU A 92 -7.95 4.11 4.27
C LEU A 92 -6.50 3.67 4.38
N GLY A 93 -5.60 4.48 3.82
CA GLY A 93 -4.19 4.32 4.12
C GLY A 93 -3.92 4.51 5.60
N GLY A 94 -2.81 3.94 6.06
CA GLY A 94 -2.42 4.13 7.44
C GLY A 94 -2.07 5.58 7.73
N GLU A 95 -1.86 5.89 9.00
CA GLU A 95 -1.73 7.30 9.39
C GLU A 95 -0.32 7.82 9.14
N LEU A 96 -0.27 9.03 8.60
CA LEU A 96 0.95 9.80 8.46
C LEU A 96 0.88 11.00 9.39
N THR A 97 2.01 11.70 9.54
CA THR A 97 1.97 12.96 10.26
C THR A 97 0.87 13.84 9.71
N SER A 98 0.81 13.93 8.37
CA SER A 98 -0.28 14.55 7.67
C SER A 98 -0.60 13.72 6.44
N ASN A 99 -1.81 13.17 6.39
CA ASN A 99 -2.22 12.40 5.24
C ASN A 99 -2.45 13.29 4.02
N ARG A 100 -2.50 12.66 2.85
CA ARG A 100 -2.86 13.40 1.66
C ARG A 100 -4.24 14.04 1.80
N PRO A 101 -4.48 15.16 1.09
CA PRO A 101 -5.82 15.76 1.14
C PRO A 101 -6.89 14.88 0.49
N ASP A 102 -6.50 13.90 -0.33
CA ASP A 102 -7.43 12.98 -0.97
C ASP A 102 -7.46 11.59 -0.29
N TRP A 103 -6.97 11.50 0.95
CA TRP A 103 -7.07 10.31 1.78
C TRP A 103 -8.50 9.84 1.91
N LYS A 104 -8.76 8.60 1.51
CA LYS A 104 -10.14 8.13 1.42
C LYS A 104 -10.21 6.61 1.45
N GLU A 105 -11.44 6.13 1.68
CA GLU A 105 -11.84 4.75 1.45
C GLU A 105 -12.90 4.77 0.36
N GLY A 106 -13.25 3.59 -0.15
CA GLY A 106 -14.25 3.63 -1.20
C GLY A 106 -14.76 2.28 -1.60
N LEU A 107 -15.68 2.30 -2.56
CA LEU A 107 -16.30 1.10 -3.08
C LEU A 107 -16.34 1.22 -4.60
N TYR A 108 -15.64 0.32 -5.28
CA TYR A 108 -15.59 0.31 -6.73
C TYR A 108 -16.73 -0.53 -7.28
N LEU A 109 -17.43 0.04 -8.28
CA LEU A 109 -18.64 -0.53 -8.86
C LEU A 109 -18.60 -0.36 -10.36
N GLY A 110 -19.42 -1.15 -11.05
CA GLY A 110 -19.57 -1.07 -12.48
C GLY A 110 -20.84 -1.79 -12.88
N SER A 111 -21.00 -1.97 -14.19
CA SER A 111 -22.20 -2.61 -14.69
C SER A 111 -22.31 -4.04 -14.13
N GLU A 112 -23.51 -4.42 -13.71
CA GLU A 112 -23.72 -5.75 -13.12
C GLU A 112 -23.89 -6.75 -14.26
N LEU A 113 -22.83 -7.47 -14.57
CA LEU A 113 -22.87 -8.46 -15.66
C LEU A 113 -22.70 -9.87 -15.10
N ASP A 114 -23.50 -10.80 -15.60
CA ASP A 114 -23.51 -12.15 -15.03
C ASP A 114 -22.58 -13.05 -15.85
N ALA A 115 -22.51 -14.33 -15.43
CA ALA A 115 -21.52 -15.25 -15.93
C ALA A 115 -21.71 -15.60 -17.39
N GLU A 116 -22.90 -15.36 -17.94
CA GLU A 116 -23.18 -15.66 -19.34
C GLU A 116 -22.99 -14.46 -20.25
N HIS A 117 -22.64 -13.29 -19.71
CA HIS A 117 -22.38 -12.15 -20.56
C HIS A 117 -21.17 -12.44 -21.44
N PRO A 118 -21.19 -12.07 -22.72
CA PRO A 118 -20.08 -12.44 -23.62
C PRO A 118 -18.72 -11.95 -23.15
N GLU A 119 -18.64 -10.77 -22.59
CA GLU A 119 -17.34 -10.27 -22.13
C GLU A 119 -16.86 -11.03 -20.90
N VAL A 120 -17.79 -11.49 -20.06
CA VAL A 120 -17.39 -12.27 -18.90
C VAL A 120 -16.89 -13.63 -19.35
N ARG A 121 -17.60 -14.25 -20.29
CA ARG A 121 -17.14 -15.55 -20.77
C ARG A 121 -15.81 -15.41 -21.50
N ALA A 122 -15.55 -14.27 -22.12
CA ALA A 122 -14.29 -14.02 -22.79
C ALA A 122 -13.15 -13.69 -21.83
N GLY A 123 -13.47 -13.41 -20.57
CA GLY A 123 -12.42 -13.05 -19.63
C GLY A 123 -11.94 -11.63 -19.74
N THR A 124 -12.72 -10.74 -20.33
CA THR A 124 -12.25 -9.39 -20.56
C THR A 124 -12.14 -8.64 -19.23
N PRO A 125 -11.03 -7.96 -18.98
CA PRO A 125 -10.93 -7.17 -17.76
C PRO A 125 -12.04 -6.13 -17.71
N LEU A 126 -12.40 -5.73 -16.48
CA LEU A 126 -13.36 -4.67 -16.17
C LEU A 126 -14.82 -5.07 -16.38
N HIS A 127 -15.10 -6.35 -16.66
CA HIS A 127 -16.45 -6.86 -16.83
C HIS A 127 -16.74 -7.93 -15.78
N GLY A 128 -17.91 -7.85 -15.16
CA GLY A 128 -18.30 -8.90 -14.26
C GLY A 128 -19.25 -8.38 -13.22
N ALA A 129 -19.22 -9.04 -12.07
CA ALA A 129 -20.22 -8.77 -11.03
C ALA A 129 -19.67 -7.84 -9.96
N ASN A 130 -20.56 -7.01 -9.42
CA ASN A 130 -20.21 -6.19 -8.27
C ASN A 130 -20.14 -7.00 -6.98
N LEU A 131 -19.32 -6.52 -6.04
CA LEU A 131 -19.40 -6.98 -4.65
C LEU A 131 -20.33 -6.01 -3.92
N PHE A 132 -21.45 -6.54 -3.42
CA PHE A 132 -22.51 -5.71 -2.85
C PHE A 132 -22.52 -5.87 -1.34
N PRO A 133 -22.15 -4.84 -0.58
CA PRO A 133 -22.20 -4.97 0.88
C PRO A 133 -23.61 -5.25 1.37
N GLU A 134 -23.67 -5.95 2.51
CA GLU A 134 -24.94 -6.37 3.12
C GLU A 134 -25.49 -5.22 3.97
N VAL A 135 -25.84 -4.15 3.28
CA VAL A 135 -26.60 -3.03 3.82
C VAL A 135 -27.98 -3.05 3.17
N PRO A 136 -29.07 -3.20 3.94
CA PRO A 136 -30.39 -3.34 3.33
C PRO A 136 -30.70 -2.15 2.44
N GLY A 137 -31.12 -2.47 1.21
CA GLY A 137 -31.46 -1.49 0.24
C GLY A 137 -30.31 -1.03 -0.64
N LEU A 138 -29.08 -1.28 -0.23
CA LEU A 138 -27.95 -0.68 -0.95
C LEU A 138 -27.80 -1.21 -2.35
N ARG A 139 -27.88 -2.53 -2.54
CA ARG A 139 -27.71 -3.10 -3.87
C ARG A 139 -28.73 -2.53 -4.84
N GLU A 140 -30.02 -2.58 -4.48
CA GLU A 140 -31.05 -2.09 -5.39
C GLU A 140 -30.86 -0.61 -5.68
N THR A 141 -30.48 0.15 -4.67
CA THR A 141 -30.34 1.58 -4.83
C THR A 141 -29.18 1.88 -5.76
N LEU A 142 -28.09 1.14 -5.62
CA LEU A 142 -26.94 1.32 -6.50
C LEU A 142 -27.31 1.03 -7.94
N LEU A 143 -28.00 -0.08 -8.18
CA LEU A 143 -28.34 -0.46 -9.55
C LEU A 143 -29.28 0.56 -10.17
N GLU A 144 -30.26 1.03 -9.41
CA GLU A 144 -31.19 2.05 -9.91
C GLU A 144 -30.45 3.35 -10.25
N TYR A 145 -29.52 3.77 -9.39
CA TYR A 145 -28.77 5.00 -9.64
C TYR A 145 -27.85 4.86 -10.84
N LEU A 146 -27.19 3.70 -10.98
CA LEU A 146 -26.38 3.44 -12.14
C LEU A 146 -27.20 3.56 -13.42
N ASP A 147 -28.39 2.96 -13.40
CA ASP A 147 -29.28 2.99 -14.55
C ASP A 147 -29.64 4.42 -14.91
N ALA A 148 -30.08 5.19 -13.92
CA ALA A 148 -30.58 6.54 -14.17
C ALA A 148 -29.45 7.47 -14.63
N THR A 149 -28.27 7.39 -13.98
CA THR A 149 -27.20 8.27 -14.39
C THR A 149 -26.57 7.87 -15.71
N THR A 150 -26.59 6.57 -16.06
CA THR A 150 -26.18 6.15 -17.40
C THR A 150 -27.01 6.86 -18.46
N ARG A 151 -28.32 7.00 -18.23
CA ARG A 151 -29.17 7.68 -19.21
C ARG A 151 -28.81 9.15 -19.32
N VAL A 152 -28.43 9.78 -18.20
CA VAL A 152 -27.97 11.17 -18.26
C VAL A 152 -26.73 11.27 -19.11
N GLY A 153 -25.81 10.31 -18.96
CA GLY A 153 -24.61 10.27 -19.77
C GLY A 153 -24.91 10.22 -21.26
N HIS A 154 -25.82 9.35 -21.68
CA HIS A 154 -26.16 9.27 -23.10
C HIS A 154 -26.66 10.61 -23.59
N ARG A 155 -27.53 11.23 -22.82
CA ARG A 155 -28.09 12.51 -23.25
C ARG A 155 -27.02 13.58 -23.31
N LEU A 156 -26.13 13.62 -22.33
CA LEU A 156 -25.06 14.61 -22.38
C LEU A 156 -24.18 14.42 -23.60
N MET A 157 -23.89 13.17 -23.98
CA MET A 157 -23.09 12.97 -25.19
C MET A 157 -23.81 13.50 -26.43
N GLU A 158 -25.14 13.39 -26.48
CA GLU A 158 -25.90 14.02 -27.55
C GLU A 158 -25.69 15.53 -27.54
N GLY A 159 -25.71 16.14 -26.36
CA GLY A 159 -25.50 17.58 -26.29
C GLY A 159 -24.09 17.96 -26.70
N ILE A 160 -23.11 17.13 -26.32
CA ILE A 160 -21.73 17.36 -26.73
C ILE A 160 -21.59 17.21 -28.24
N ALA A 161 -22.24 16.19 -28.80
CA ALA A 161 -22.19 15.98 -30.25
C ALA A 161 -22.83 17.16 -30.97
N LEU A 162 -24.01 17.59 -30.52
CA LEU A 162 -24.64 18.75 -31.15
C LEU A 162 -23.78 19.98 -31.01
N GLY A 163 -23.14 20.16 -29.86
CA GLY A 163 -22.30 21.32 -29.65
C GLY A 163 -21.11 21.38 -30.59
N LEU A 164 -20.57 20.22 -30.96
CA LEU A 164 -19.42 20.13 -31.83
C LEU A 164 -19.77 20.26 -33.30
N GLY A 165 -21.04 20.47 -33.62
CA GLY A 165 -21.47 20.50 -35.01
C GLY A 165 -21.74 19.15 -35.62
N LEU A 166 -21.91 18.12 -34.80
CA LEU A 166 -22.10 16.74 -35.26
C LEU A 166 -23.56 16.32 -35.11
N GLU A 167 -23.86 15.16 -35.68
CA GLU A 167 -25.12 14.47 -35.43
C GLU A 167 -25.21 14.09 -33.96
N ALA A 168 -26.42 14.17 -33.39
CA ALA A 168 -26.57 13.92 -31.96
C ALA A 168 -26.13 12.50 -31.59
N ASP A 169 -26.31 11.54 -32.50
CA ASP A 169 -25.92 10.16 -32.24
C ASP A 169 -24.46 9.87 -32.54
N TYR A 170 -23.61 10.90 -32.68
CA TYR A 170 -22.24 10.66 -33.11
C TYR A 170 -21.53 9.65 -32.22
N PHE A 171 -21.62 9.83 -30.90
CA PHE A 171 -20.91 8.92 -30.01
C PHE A 171 -21.65 7.60 -29.84
N ALA A 172 -22.97 7.66 -29.66
CA ALA A 172 -23.75 6.44 -29.55
C ALA A 172 -23.46 5.49 -30.71
N ALA A 173 -23.36 6.01 -31.93
CA ALA A 173 -23.25 5.13 -33.09
C ALA A 173 -21.87 4.50 -33.22
N ARG A 174 -20.86 5.09 -32.59
CA ARG A 174 -19.47 4.67 -32.75
C ARG A 174 -18.90 4.01 -31.52
N TYR A 175 -19.18 4.54 -30.33
CA TYR A 175 -18.37 4.24 -29.16
C TYR A 175 -19.15 4.02 -27.87
N THR A 176 -20.28 4.67 -27.66
CA THR A 176 -20.97 4.64 -26.37
C THR A 176 -22.36 4.01 -26.42
N GLY A 177 -22.70 3.32 -27.50
CA GLY A 177 -23.96 2.61 -27.53
C GLY A 177 -24.06 1.58 -26.41
N ASP A 178 -22.95 0.90 -26.14
CA ASP A 178 -22.78 -0.02 -25.02
C ASP A 178 -21.58 0.46 -24.20
N PRO A 179 -21.76 1.48 -23.38
CA PRO A 179 -20.61 2.18 -22.80
C PRO A 179 -19.99 1.45 -21.61
N LEU A 180 -18.75 1.81 -21.34
CA LEU A 180 -18.08 1.34 -20.12
C LEU A 180 -18.45 2.30 -18.98
N ILE A 181 -19.13 1.77 -17.96
CA ILE A 181 -19.66 2.57 -16.85
C ILE A 181 -18.84 2.21 -15.62
N LEU A 182 -18.08 3.16 -15.11
CA LEU A 182 -17.30 2.98 -13.89
C LEU A 182 -17.87 3.89 -12.80
N PHE A 183 -18.30 3.31 -11.69
CA PHE A 183 -18.99 4.05 -10.64
C PHE A 183 -18.22 3.83 -9.34
N ARG A 184 -18.01 4.90 -8.60
CA ARG A 184 -17.30 4.79 -7.32
C ARG A 184 -18.02 5.53 -6.21
N LEU A 185 -18.02 4.94 -5.02
CA LEU A 185 -18.42 5.63 -3.81
C LEU A 185 -17.16 5.94 -3.04
N PHE A 186 -16.86 7.23 -2.87
CA PHE A 186 -15.70 7.63 -2.09
C PHE A 186 -16.13 8.30 -0.79
N ASN A 187 -15.39 7.99 0.29
CA ASN A 187 -15.64 8.59 1.59
C ASN A 187 -14.33 9.18 2.11
N TYR A 188 -14.31 10.48 2.31
CA TYR A 188 -13.13 11.18 2.83
C TYR A 188 -13.33 11.53 4.30
N PRO A 189 -12.72 10.82 5.24
CA PRO A 189 -12.88 11.20 6.63
C PRO A 189 -12.22 12.53 6.91
N SER A 190 -12.74 13.22 7.91
CA SER A 190 -12.11 14.43 8.38
C SER A 190 -10.73 14.14 8.96
N GLN A 191 -9.85 15.12 8.79
CA GLN A 191 -8.45 15.07 9.16
C GLN A 191 -8.10 16.29 10.00
N PRO A 192 -7.11 16.17 10.85
CA PRO A 192 -6.60 17.36 11.54
C PRO A 192 -6.04 18.38 10.58
N VAL A 193 -6.25 19.66 10.92
CA VAL A 193 -5.57 20.73 10.19
C VAL A 193 -4.06 20.58 10.37
N PRO A 194 -3.26 20.61 9.30
CA PRO A 194 -1.82 20.43 9.46
C PRO A 194 -1.21 21.50 10.35
N GLU A 195 -0.18 21.11 11.07
CA GLU A 195 0.57 22.04 11.89
C GLU A 195 1.65 22.67 11.03
N GLY A 196 1.83 23.97 11.22
CA GLY A 196 2.79 24.65 10.38
C GLY A 196 2.28 24.74 8.96
N LEU A 197 3.23 24.74 8.02
CA LEU A 197 2.90 24.85 6.60
C LEU A 197 2.44 23.50 6.06
N ASP A 198 1.43 23.53 5.22
CA ASP A 198 0.83 22.30 4.70
C ASP A 198 1.67 21.82 3.53
N VAL A 199 2.56 20.86 3.80
CA VAL A 199 3.39 20.27 2.75
C VAL A 199 2.50 19.73 1.63
N GLN A 200 1.47 18.99 2.00
CA GLN A 200 0.56 18.29 1.11
C GLN A 200 -0.34 19.23 0.28
N TRP A 201 -0.19 20.56 0.30
CA TRP A 201 -1.14 21.43 -0.36
C TRP A 201 -1.23 21.15 -1.85
N GLY A 202 -2.46 21.07 -2.37
CA GLY A 202 -2.68 20.88 -3.79
C GLY A 202 -2.40 19.49 -4.32
N VAL A 203 -1.96 18.57 -3.47
CA VAL A 203 -1.64 17.22 -3.91
C VAL A 203 -2.92 16.55 -4.42
N GLY A 204 -2.77 15.70 -5.44
CA GLY A 204 -3.89 14.96 -6.01
C GLY A 204 -4.50 15.58 -7.24
N GLU A 205 -4.00 16.73 -7.68
CA GLU A 205 -4.45 17.31 -8.94
C GLU A 205 -4.31 16.29 -10.07
N HIS A 206 -5.37 16.15 -10.86
CA HIS A 206 -5.35 15.19 -11.95
C HIS A 206 -6.46 15.54 -12.91
N THR A 207 -6.40 14.93 -14.10
CA THR A 207 -7.49 14.89 -15.06
C THR A 207 -8.04 13.49 -15.20
N ASP A 208 -9.28 13.41 -15.65
CA ASP A 208 -9.92 12.13 -15.89
C ASP A 208 -9.50 11.59 -17.27
N TYR A 209 -9.65 10.26 -17.43
CA TYR A 209 -9.04 9.57 -18.57
C TYR A 209 -9.94 9.49 -19.81
N GLY A 210 -11.26 9.44 -19.64
CA GLY A 210 -12.16 8.97 -20.67
C GLY A 210 -12.99 10.07 -21.29
N LEU A 211 -14.32 9.89 -21.37
CA LEU A 211 -15.17 10.88 -22.01
C LEU A 211 -15.79 11.83 -21.00
N LEU A 212 -16.65 11.30 -20.15
CA LEU A 212 -17.54 12.09 -19.29
C LEU A 212 -17.46 11.61 -17.85
N THR A 213 -17.35 12.56 -16.91
CA THR A 213 -17.59 12.31 -15.49
C THR A 213 -18.85 13.02 -15.03
N LEU A 214 -19.70 12.30 -14.30
CA LEU A 214 -20.91 12.85 -13.67
C LEU A 214 -20.81 12.59 -12.17
N LEU A 215 -20.65 13.68 -11.41
CA LEU A 215 -20.37 13.64 -9.97
C LEU A 215 -21.58 14.05 -9.16
N HIS A 216 -21.96 13.22 -8.20
CA HIS A 216 -22.83 13.66 -7.09
C HIS A 216 -21.94 13.99 -5.90
N GLN A 217 -22.10 15.17 -5.33
CA GLN A 217 -21.35 15.45 -4.10
C GLN A 217 -22.34 15.79 -2.98
N ASP A 218 -21.94 15.40 -1.77
CA ASP A 218 -22.71 15.70 -0.58
C ASP A 218 -22.52 17.17 -0.22
N ALA A 219 -23.09 17.57 0.91
CA ALA A 219 -23.13 18.98 1.23
C ALA A 219 -21.79 19.52 1.71
N ILE A 220 -20.79 18.66 1.91
CA ILE A 220 -19.52 19.09 2.50
C ILE A 220 -18.67 19.85 1.49
N GLY A 221 -18.58 19.34 0.27
CA GLY A 221 -17.81 20.00 -0.77
C GLY A 221 -16.32 20.00 -0.51
N GLY A 222 -15.60 20.66 -1.41
CA GLY A 222 -14.16 20.60 -1.44
C GLY A 222 -13.58 20.37 -2.83
N LEU A 223 -14.42 20.18 -3.82
CA LEU A 223 -13.96 20.06 -5.20
C LEU A 223 -13.45 21.38 -5.71
N GLN A 224 -12.29 21.34 -6.32
CA GLN A 224 -11.63 22.54 -6.83
C GLN A 224 -11.16 22.24 -8.24
N VAL A 225 -11.36 23.21 -9.14
CA VAL A 225 -11.18 23.03 -10.56
C VAL A 225 -10.19 24.07 -11.07
N ARG A 226 -9.22 23.63 -11.87
CA ARG A 226 -8.22 24.57 -12.42
C ARG A 226 -8.69 25.05 -13.78
N THR A 227 -9.48 26.10 -13.81
CA THR A 227 -9.87 26.63 -15.10
C THR A 227 -8.76 27.51 -15.67
N PRO A 228 -8.78 27.76 -16.98
CA PRO A 228 -7.81 28.68 -17.56
C PRO A 228 -7.80 30.05 -16.90
N GLN A 229 -8.90 30.43 -16.24
CA GLN A 229 -9.00 31.72 -15.56
C GLN A 229 -8.64 31.63 -14.08
N GLY A 230 -8.12 30.50 -13.62
CA GLY A 230 -7.72 30.33 -12.24
C GLY A 230 -8.45 29.17 -11.55
N TRP A 231 -7.96 28.87 -10.36
CA TRP A 231 -8.59 27.84 -9.53
C TRP A 231 -9.94 28.36 -9.06
N LEU A 232 -10.94 27.49 -9.12
CA LEU A 232 -12.25 27.88 -8.60
C LEU A 232 -12.82 26.75 -7.75
N GLU A 233 -13.61 27.14 -6.78
CA GLU A 233 -14.43 26.22 -6.02
C GLU A 233 -15.65 25.82 -6.83
N ALA A 234 -16.02 24.56 -6.69
CA ALA A 234 -17.22 24.02 -7.30
C ALA A 234 -18.07 23.50 -6.16
N PRO A 235 -18.76 24.38 -5.44
CA PRO A 235 -19.51 23.95 -4.26
C PRO A 235 -20.66 23.03 -4.62
N PRO A 236 -21.10 22.21 -3.68
CA PRO A 236 -22.30 21.40 -3.92
C PRO A 236 -23.51 22.27 -4.19
N ILE A 237 -24.28 21.89 -5.21
CA ILE A 237 -25.57 22.51 -5.48
C ILE A 237 -26.64 21.41 -5.46
N PRO A 238 -27.57 21.44 -4.50
CA PRO A 238 -28.63 20.42 -4.49
C PRO A 238 -29.41 20.42 -5.79
N GLY A 239 -29.64 19.22 -6.30
CA GLY A 239 -30.35 19.05 -7.56
C GLY A 239 -29.44 18.99 -8.76
N SER A 240 -28.12 19.09 -8.57
CA SER A 240 -27.19 19.09 -9.69
C SER A 240 -26.24 17.92 -9.62
N PHE A 241 -25.71 17.60 -10.77
CA PHE A 241 -24.46 16.85 -10.83
C PHE A 241 -23.41 17.82 -11.36
N VAL A 242 -22.16 17.52 -11.06
CA VAL A 242 -21.03 18.23 -11.67
C VAL A 242 -20.49 17.37 -12.81
N CYS A 243 -20.32 17.98 -13.98
CA CYS A 243 -19.86 17.27 -15.16
CA CYS A 243 -19.86 17.27 -15.16
C CYS A 243 -18.53 17.83 -15.63
N ASN A 244 -17.62 16.93 -15.99
CA ASN A 244 -16.39 17.35 -16.62
C ASN A 244 -15.99 16.30 -17.64
N LEU A 245 -15.08 16.69 -18.52
CA LEU A 245 -14.62 15.85 -19.61
C LEU A 245 -13.28 15.24 -19.28
N GLY A 246 -12.98 14.13 -19.95
CA GLY A 246 -11.71 13.45 -19.78
C GLY A 246 -10.77 13.59 -20.96
N ASP A 247 -9.60 12.99 -20.76
CA ASP A 247 -8.48 13.16 -21.69
C ASP A 247 -8.83 12.65 -23.09
N MET A 248 -9.51 11.51 -23.17
CA MET A 248 -9.88 10.93 -24.45
C MET A 248 -10.75 11.89 -25.26
N LEU A 249 -11.76 12.50 -24.62
CA LEU A 249 -12.60 13.44 -25.34
C LEU A 249 -11.82 14.70 -25.74
N GLU A 250 -11.00 15.22 -24.84
CA GLU A 250 -10.16 16.37 -25.20
C GLU A 250 -9.33 16.07 -26.44
N ARG A 251 -8.71 14.89 -26.46
CA ARG A 251 -7.78 14.60 -27.55
C ARG A 251 -8.50 14.27 -28.84
N MET A 252 -9.65 13.64 -28.78
CA MET A 252 -10.36 13.36 -30.02
C MET A 252 -11.02 14.60 -30.61
N THR A 253 -11.16 15.69 -29.83
CA THR A 253 -11.56 16.98 -30.37
C THR A 253 -10.36 17.85 -30.74
N GLY A 254 -9.15 17.30 -30.74
CA GLY A 254 -8.00 18.11 -31.08
C GLY A 254 -7.68 19.20 -30.10
N GLY A 255 -8.19 19.11 -28.86
CA GLY A 255 -7.95 20.12 -27.86
C GLY A 255 -8.98 21.22 -27.81
N LEU A 256 -10.04 21.12 -28.62
CA LEU A 256 -11.07 22.14 -28.64
C LEU A 256 -11.91 22.10 -27.38
N TYR A 257 -12.26 20.91 -26.92
CA TYR A 257 -12.94 20.73 -25.65
C TYR A 257 -11.91 20.28 -24.62
N ARG A 258 -12.03 20.82 -23.40
CA ARG A 258 -10.99 20.74 -22.39
C ARG A 258 -11.23 19.60 -21.41
N SER A 259 -10.16 18.88 -21.12
CA SER A 259 -10.07 18.02 -19.94
C SER A 259 -9.36 18.80 -18.84
N THR A 260 -10.10 19.19 -17.82
CA THR A 260 -9.57 20.18 -16.89
C THR A 260 -9.09 19.53 -15.60
N PRO A 261 -7.93 19.95 -15.09
CA PRO A 261 -7.46 19.37 -13.82
C PRO A 261 -8.34 19.77 -12.66
N HIS A 262 -8.42 18.87 -11.69
CA HIS A 262 -9.17 19.15 -10.48
C HIS A 262 -8.57 18.36 -9.33
N ARG A 263 -9.02 18.69 -8.12
CA ARG A 263 -8.50 18.11 -6.90
C ARG A 263 -9.58 18.30 -5.86
N VAL A 264 -9.35 17.75 -4.67
CA VAL A 264 -10.24 18.02 -3.55
C VAL A 264 -9.41 18.64 -2.44
N ALA A 265 -10.02 19.59 -1.73
CA ALA A 265 -9.41 20.15 -0.53
C ALA A 265 -9.46 19.14 0.60
N ARG A 266 -8.49 19.25 1.51
CA ARG A 266 -8.50 18.41 2.69
C ARG A 266 -9.78 18.61 3.50
N ASN A 267 -10.46 17.51 3.81
CA ASN A 267 -11.61 17.60 4.68
C ASN A 267 -11.14 17.73 6.12
N THR A 268 -11.43 18.88 6.76
CA THR A 268 -11.17 19.07 8.19
C THR A 268 -12.45 19.44 8.93
N SER A 269 -13.60 19.16 8.33
CA SER A 269 -14.88 19.63 8.80
C SER A 269 -15.45 18.85 9.98
N GLY A 270 -14.87 17.73 10.34
CA GLY A 270 -15.36 16.92 11.42
C GLY A 270 -16.41 15.92 11.01
N ARG A 271 -16.86 15.97 9.77
CA ARG A 271 -17.83 15.02 9.23
C ARG A 271 -17.28 14.38 7.97
N ASP A 272 -17.50 13.06 7.82
CA ASP A 272 -17.04 12.35 6.63
C ASP A 272 -17.69 12.92 5.37
N ARG A 273 -16.89 13.08 4.31
CA ARG A 273 -17.37 13.62 3.04
C ARG A 273 -17.56 12.52 2.00
N LEU A 274 -18.76 12.47 1.43
CA LEU A 274 -19.13 11.49 0.43
C LEU A 274 -19.15 12.12 -0.96
N SER A 275 -18.52 11.46 -1.92
CA SER A 275 -18.43 11.89 -3.31
C SER A 275 -18.61 10.67 -4.21
N PHE A 276 -19.51 10.76 -5.19
CA PHE A 276 -19.84 9.62 -6.04
C PHE A 276 -19.63 9.92 -7.51
N PRO A 277 -18.43 9.68 -8.06
CA PRO A 277 -18.23 9.88 -9.49
C PRO A 277 -18.70 8.69 -10.32
N LEU A 278 -19.31 9.01 -11.46
CA LEU A 278 -19.66 8.04 -12.47
C LEU A 278 -18.93 8.42 -13.74
N PHE A 279 -18.12 7.50 -14.23
CA PHE A 279 -17.35 7.68 -15.45
C PHE A 279 -18.08 7.00 -16.60
N PHE A 280 -18.42 7.78 -17.63
CA PHE A 280 -19.18 7.34 -18.82
C PHE A 280 -18.16 7.28 -19.96
N ASP A 281 -17.73 6.06 -20.29
CA ASP A 281 -16.63 5.87 -21.23
C ASP A 281 -17.01 5.04 -22.46
N PRO A 282 -16.15 5.02 -23.48
CA PRO A 282 -16.42 4.15 -24.62
C PRO A 282 -16.43 2.68 -24.23
N ASN A 283 -17.11 1.89 -25.04
CA ASN A 283 -16.99 0.45 -24.93
C ASN A 283 -15.52 0.03 -24.85
N PHE A 284 -15.25 -1.04 -24.08
CA PHE A 284 -13.90 -1.56 -23.92
C PHE A 284 -13.20 -1.77 -25.25
N HIS A 285 -13.92 -2.27 -26.23
CA HIS A 285 -13.34 -2.63 -27.52
C HIS A 285 -13.45 -1.52 -28.56
N ALA A 286 -14.01 -0.37 -28.21
CA ALA A 286 -14.03 0.75 -29.14
C ALA A 286 -12.62 1.12 -29.58
N ARG A 287 -12.48 1.41 -30.86
CA ARG A 287 -11.24 1.91 -31.45
C ARG A 287 -11.46 3.39 -31.72
N VAL A 288 -11.12 4.24 -30.76
CA VAL A 288 -11.47 5.65 -30.86
C VAL A 288 -10.59 6.33 -31.89
N GLN A 289 -11.16 7.28 -32.60
CA GLN A 289 -10.45 8.03 -33.63
C GLN A 289 -10.68 9.51 -33.44
N PRO A 290 -9.77 10.35 -33.91
CA PRO A 290 -10.04 11.79 -33.96
C PRO A 290 -11.34 12.07 -34.68
N ILE A 291 -12.06 13.06 -34.17
CA ILE A 291 -13.31 13.52 -34.78
C ILE A 291 -12.97 14.36 -36.00
N GLU A 292 -13.64 14.05 -37.10
CA GLU A 292 -13.47 14.77 -38.36
C GLU A 292 -14.24 16.07 -38.35
N GLY A 293 -13.73 17.06 -39.10
CA GLY A 293 -14.50 18.25 -39.40
C GLY A 293 -14.48 19.33 -38.34
N LEU A 294 -13.49 19.32 -37.45
CA LEU A 294 -13.39 20.30 -36.39
C LEU A 294 -12.27 21.31 -36.68
N PRO A 295 -12.40 22.53 -36.18
CA PRO A 295 -11.35 23.52 -36.42
C PRO A 295 -10.07 23.13 -35.73
N GLU A 296 -8.95 23.46 -36.37
CA GLU A 296 -7.67 23.20 -35.75
C GLU A 296 -7.44 24.17 -34.59
N VAL A 297 -6.88 23.66 -33.51
CA VAL A 297 -6.64 24.42 -32.29
C VAL A 297 -5.17 24.69 -32.18
N PRO A 298 -4.74 25.93 -31.96
CA PRO A 298 -3.31 26.25 -32.00
C PRO A 298 -2.57 25.69 -30.80
N GLU A 299 -1.27 25.50 -30.98
CA GLU A 299 -0.37 25.16 -29.89
C GLU A 299 -0.66 23.77 -29.33
N GLN A 300 -1.11 22.84 -30.15
CA GLN A 300 -1.40 21.50 -29.66
C GLN A 300 -0.51 20.40 -30.23
N ASP A 301 0.19 20.65 -31.33
CA ASP A 301 1.04 19.61 -31.91
C ASP A 301 1.99 18.97 -30.88
N ASP A 302 2.66 19.78 -30.07
CA ASP A 302 3.57 19.21 -29.06
C ASP A 302 2.81 18.37 -28.06
N SER A 303 1.78 18.95 -27.44
CA SER A 303 0.98 18.20 -26.47
C SER A 303 0.34 16.99 -27.15
N ALA A 304 -0.21 17.18 -28.35
CA ALA A 304 -0.86 16.06 -29.04
C ALA A 304 0.11 14.91 -29.25
N ARG A 305 1.35 15.21 -29.63
CA ARG A 305 2.29 14.15 -29.94
C ARG A 305 2.81 13.48 -28.67
N ARG A 306 3.13 14.26 -27.64
CA ARG A 306 3.59 13.62 -26.42
C ARG A 306 2.49 12.75 -25.80
N TRP A 307 1.23 13.15 -25.95
CA TRP A 307 0.16 12.32 -25.39
C TRP A 307 -0.01 11.03 -26.18
N ASP A 308 0.08 11.12 -27.51
CA ASP A 308 -0.06 9.92 -28.33
C ASP A 308 1.00 8.89 -27.94
N GLN A 309 2.24 9.36 -27.72
CA GLN A 309 3.34 8.47 -27.35
C GLN A 309 3.12 7.85 -25.97
N ALA A 310 2.45 8.57 -25.08
CA ALA A 310 2.21 8.04 -23.75
C ALA A 310 0.92 7.25 -23.67
N ASN A 311 0.11 7.24 -24.74
CA ASN A 311 -1.19 6.60 -24.74
C ASN A 311 -1.44 5.96 -26.10
N VAL A 312 -0.58 5.00 -26.46
CA VAL A 312 -0.61 4.41 -27.78
C VAL A 312 -1.97 3.80 -28.08
N HIS A 313 -2.59 3.13 -27.11
CA HIS A 313 -3.83 2.43 -27.40
C HIS A 313 -5.00 3.37 -27.68
N ALA A 314 -4.89 4.65 -27.31
CA ALA A 314 -5.98 5.60 -27.48
C ALA A 314 -6.41 5.70 -28.93
N PHE A 315 -5.46 6.01 -29.82
CA PHE A 315 -5.76 6.16 -31.23
C PHE A 315 -5.20 5.03 -32.07
N HIS A 316 -4.48 4.09 -31.48
CA HIS A 316 -3.91 2.96 -32.21
C HIS A 316 -4.44 1.62 -31.71
N GLY A 317 -5.44 1.63 -30.85
CA GLY A 317 -5.92 0.38 -30.28
C GLY A 317 -7.27 0.56 -29.63
N GLU A 318 -7.59 -0.35 -28.72
CA GLU A 318 -8.90 -0.37 -28.08
C GLU A 318 -8.89 0.46 -26.80
N TYR A 319 -10.04 1.10 -26.54
CA TYR A 319 -10.15 1.97 -25.38
C TYR A 319 -9.77 1.24 -24.09
N GLY A 320 -10.22 0.00 -23.92
CA GLY A 320 -9.90 -0.72 -22.69
C GLY A 320 -8.42 -0.88 -22.42
N ASP A 321 -7.62 -1.06 -23.47
CA ASP A 321 -6.18 -1.17 -23.26
C ASP A 321 -5.58 0.19 -22.94
N TYR A 322 -6.16 1.27 -23.47
CA TYR A 322 -5.75 2.61 -23.07
C TYR A 322 -6.00 2.81 -21.59
N LEU A 323 -7.17 2.40 -21.11
CA LEU A 323 -7.50 2.57 -19.72
C LEU A 323 -6.68 1.65 -18.84
N LEU A 324 -6.52 0.38 -19.24
CA LEU A 324 -5.69 -0.50 -18.42
C LEU A 324 -4.26 0.02 -18.29
N ASN A 325 -3.73 0.64 -19.35
CA ASN A 325 -2.39 1.21 -19.26
C ASN A 325 -2.31 2.26 -18.18
N LYS A 326 -3.42 2.91 -17.81
CA LYS A 326 -3.39 3.88 -16.74
C LYS A 326 -3.37 3.23 -15.38
N VAL A 327 -4.12 2.14 -15.20
CA VAL A 327 -4.47 1.63 -13.87
C VAL A 327 -3.94 0.24 -13.58
N ALA A 328 -3.42 -0.49 -14.56
CA ALA A 328 -3.06 -1.89 -14.30
C ALA A 328 -1.92 -2.01 -13.30
N LYS A 329 -0.99 -1.04 -13.28
CA LYS A 329 0.13 -1.11 -12.35
C LYS A 329 -0.35 -1.07 -10.90
N VAL A 330 -1.40 -0.30 -10.63
CA VAL A 330 -1.97 -0.20 -9.28
C VAL A 330 -2.93 -1.35 -8.94
N PHE A 331 -3.51 -2.01 -9.94
CA PHE A 331 -4.45 -3.11 -9.73
C PHE A 331 -3.99 -4.33 -10.51
N PRO A 332 -3.02 -5.07 -10.00
CA PRO A 332 -2.50 -6.21 -10.75
C PRO A 332 -3.53 -7.29 -11.02
N GLN A 333 -4.68 -7.27 -10.33
CA GLN A 333 -5.68 -8.30 -10.60
C GLN A 333 -6.33 -8.10 -11.96
N LEU A 334 -6.23 -6.91 -12.55
CA LEU A 334 -7.01 -6.67 -13.77
C LEU A 334 -6.50 -7.50 -14.94
N ARG A 335 -5.19 -7.65 -15.06
CA ARG A 335 -4.60 -8.47 -16.11
C ARG A 335 -4.11 -9.83 -15.59
N ARG A 336 -4.60 -10.24 -14.44
CA ARG A 336 -4.29 -11.55 -13.92
C ARG A 336 -5.07 -12.61 -14.67
N ASP A 337 -4.38 -13.69 -15.02
CA ASP A 337 -4.99 -14.84 -15.67
C ASP A 337 -5.20 -16.01 -14.72
N LEU A 338 -6.08 -16.91 -15.16
CA LEU A 338 -6.29 -18.27 -14.62
C LEU A 338 -7.40 -18.17 -13.59
N LEU B 11 1.67 -17.70 22.48
CA LEU B 11 3.03 -17.42 22.94
C LEU B 11 3.06 -16.73 24.29
N PRO B 12 4.08 -17.02 25.10
CA PRO B 12 4.22 -16.32 26.38
C PRO B 12 4.43 -14.84 26.18
N ILE B 13 3.93 -14.06 27.13
CA ILE B 13 4.20 -12.63 27.19
C ILE B 13 4.97 -12.37 28.48
N ILE B 14 6.22 -11.92 28.32
CA ILE B 14 7.16 -11.82 29.41
C ILE B 14 7.52 -10.37 29.66
N ASP B 15 7.26 -9.92 30.89
CA ASP B 15 7.71 -8.60 31.32
C ASP B 15 9.17 -8.67 31.72
N ILE B 16 10.00 -7.85 31.08
CA ILE B 16 11.44 -7.93 31.27
C ILE B 16 11.99 -6.76 32.07
N ALA B 17 11.14 -5.99 32.74
CA ALA B 17 11.60 -4.77 33.39
C ALA B 17 12.71 -5.04 34.40
N ALA B 18 12.63 -6.17 35.11
CA ALA B 18 13.63 -6.42 36.14
C ALA B 18 15.02 -6.58 35.56
N LEU B 19 15.15 -6.90 34.28
CA LEU B 19 16.49 -7.07 33.72
C LEU B 19 17.23 -5.73 33.59
N ALA B 20 16.54 -4.61 33.72
CA ALA B 20 17.16 -3.30 33.75
C ALA B 20 17.62 -2.90 35.13
N GLY B 21 17.23 -3.67 36.15
CA GLY B 21 17.62 -3.42 37.52
C GLY B 21 18.60 -4.43 38.05
N SER B 22 18.71 -4.48 39.37
CA SER B 22 19.76 -5.18 40.09
C SER B 22 19.22 -6.19 41.09
N ASP B 23 17.91 -6.45 41.08
CA ASP B 23 17.29 -7.27 42.11
C ASP B 23 17.49 -8.73 41.76
N PRO B 24 18.28 -9.49 42.52
CA PRO B 24 18.55 -10.88 42.12
C PRO B 24 17.31 -11.73 41.97
N ALA B 25 16.32 -11.57 42.85
CA ALA B 25 15.16 -12.44 42.81
C ALA B 25 14.26 -12.08 41.63
N ALA B 26 14.13 -10.79 41.35
CA ALA B 26 13.23 -10.39 40.27
C ALA B 26 13.85 -10.73 38.93
N ARG B 27 15.17 -10.57 38.81
CA ARG B 27 15.86 -10.99 37.61
C ARG B 27 15.72 -12.49 37.42
N ARG B 28 15.86 -13.27 38.50
CA ARG B 28 15.73 -14.71 38.40
C ARG B 28 14.34 -15.09 37.90
N SER B 29 13.30 -14.39 38.37
CA SER B 29 11.96 -14.81 37.97
C SER B 29 11.74 -14.57 36.48
N VAL B 30 12.33 -13.50 35.95
CA VAL B 30 12.24 -13.25 34.51
C VAL B 30 13.02 -14.32 33.77
N ALA B 31 14.20 -14.67 34.29
CA ALA B 31 15.03 -15.70 33.65
C ALA B 31 14.28 -17.03 33.55
N VAL B 32 13.48 -17.36 34.57
CA VAL B 32 12.79 -18.64 34.57
C VAL B 32 11.79 -18.68 33.43
N ARG B 33 11.08 -17.56 33.20
CA ARG B 33 10.10 -17.51 32.15
C ARG B 33 10.76 -17.53 30.78
N ILE B 34 11.88 -16.81 30.63
CA ILE B 34 12.63 -16.82 29.37
C ILE B 34 13.13 -18.21 29.07
N ASP B 35 13.76 -18.88 30.06
CA ASP B 35 14.19 -20.26 29.88
C ASP B 35 13.04 -21.13 29.37
N ARG B 36 11.87 -21.01 29.99
CA ARG B 36 10.79 -21.92 29.60
C ARG B 36 10.34 -21.64 28.18
N ALA B 37 10.26 -20.36 27.82
CA ALA B 37 9.83 -19.96 26.47
C ALA B 37 10.84 -20.41 25.41
N CYS B 38 12.13 -20.24 25.69
CA CYS B 38 13.16 -20.61 24.74
C CYS B 38 13.24 -22.10 24.53
N ARG B 39 12.94 -22.88 25.58
CA ARG B 39 13.00 -24.33 25.43
C ARG B 39 11.76 -24.87 24.71
N GLU B 40 10.58 -24.29 24.99
CA GLU B 40 9.33 -24.87 24.52
C GLU B 40 8.86 -24.29 23.19
N GLN B 41 9.02 -22.98 22.98
CA GLN B 41 8.50 -22.32 21.79
C GLN B 41 9.56 -21.63 20.92
N GLY B 42 10.64 -21.12 21.50
CA GLY B 42 11.60 -20.34 20.76
C GLY B 42 11.12 -18.94 20.40
N PHE B 43 9.98 -18.51 20.95
CA PHE B 43 9.31 -17.26 20.58
C PHE B 43 8.60 -16.77 21.84
N PHE B 44 8.61 -15.45 22.05
CA PHE B 44 7.86 -14.88 23.15
C PHE B 44 7.69 -13.38 22.90
N TYR B 45 6.62 -12.83 23.45
CA TYR B 45 6.47 -11.39 23.47
C TYR B 45 7.25 -10.83 24.64
N VAL B 46 7.80 -9.62 24.46
CA VAL B 46 8.48 -8.90 25.53
C VAL B 46 7.77 -7.58 25.77
N VAL B 47 7.38 -7.34 27.01
CA VAL B 47 6.75 -6.11 27.48
C VAL B 47 7.58 -5.57 28.64
N GLY B 48 7.29 -4.34 29.04
CA GLY B 48 8.10 -3.73 30.08
C GLY B 48 9.50 -3.38 29.64
N HIS B 49 9.74 -3.22 28.35
CA HIS B 49 11.09 -3.08 27.81
C HIS B 49 11.58 -1.65 27.80
N GLY B 50 10.71 -0.67 28.07
CA GLY B 50 11.10 0.71 28.21
C GLY B 50 11.27 1.50 26.92
N VAL B 51 11.14 0.87 25.75
CA VAL B 51 11.20 1.63 24.52
C VAL B 51 9.93 2.46 24.41
N GLU B 52 10.10 3.76 24.21
CA GLU B 52 8.98 4.68 24.39
C GLU B 52 7.94 4.50 23.29
N ALA B 53 6.68 4.50 23.70
CA ALA B 53 5.59 4.26 22.75
C ALA B 53 5.50 5.38 21.70
N GLN B 54 5.88 6.60 22.06
CA GLN B 54 5.78 7.68 21.08
C GLN B 54 6.86 7.52 20.01
N LEU B 55 8.04 7.09 20.41
CA LEU B 55 9.12 6.79 19.46
C LEU B 55 8.67 5.72 18.46
N VAL B 56 8.06 4.65 18.98
CA VAL B 56 7.59 3.57 18.13
C VAL B 56 6.56 4.09 17.13
N GLU B 57 5.59 4.90 17.59
CA GLU B 57 4.58 5.40 16.67
C GLU B 57 5.21 6.30 15.62
N ARG B 58 6.12 7.18 16.03
CA ARG B 58 6.76 8.06 15.05
C ARG B 58 7.55 7.26 14.01
N LEU B 59 8.27 6.22 14.44
CA LEU B 59 8.99 5.37 13.50
C LEU B 59 8.02 4.77 12.48
N GLU B 60 6.93 4.22 12.98
CA GLU B 60 5.95 3.62 12.07
C GLU B 60 5.41 4.66 11.07
N ARG B 61 5.03 5.83 11.55
CA ARG B 61 4.49 6.85 10.65
C ARG B 61 5.52 7.35 9.64
N LEU B 62 6.75 7.59 10.08
CA LEU B 62 7.76 8.09 9.14
C LEU B 62 8.23 7.01 8.18
N ALA B 63 8.27 5.76 8.62
CA ALA B 63 8.49 4.67 7.68
C ALA B 63 7.36 4.61 6.66
N ARG B 64 6.11 4.75 7.13
CA ARG B 64 4.97 4.74 6.21
C ARG B 64 5.09 5.87 5.21
N GLN B 65 5.54 7.04 5.67
CA GLN B 65 5.69 8.17 4.77
C GLN B 65 6.76 7.88 3.72
N PHE B 66 7.87 7.28 4.15
CA PHE B 66 8.89 6.86 3.20
C PHE B 66 8.31 5.96 2.11
N PHE B 67 7.64 4.87 2.50
CA PHE B 67 7.21 3.92 1.50
C PHE B 67 6.11 4.48 0.60
N ALA B 68 5.44 5.54 1.04
CA ALA B 68 4.43 6.19 0.19
C ALA B 68 5.05 7.10 -0.86
N LEU B 69 6.33 7.43 -0.75
CA LEU B 69 7.00 8.11 -1.86
C LEU B 69 6.88 7.29 -3.13
N ASP B 70 7.01 7.97 -4.27
CA ASP B 70 7.05 7.24 -5.53
C ASP B 70 8.35 6.43 -5.62
N GLU B 71 8.31 5.37 -6.42
CA GLU B 71 9.48 4.49 -6.52
C GLU B 71 10.73 5.24 -6.98
N THR B 72 10.61 6.15 -7.97
CA THR B 72 11.80 6.83 -8.43
C THR B 72 12.49 7.56 -7.28
N SER B 73 11.71 8.18 -6.39
CA SER B 73 12.31 8.86 -5.24
C SER B 73 13.00 7.87 -4.32
N LYS B 74 12.32 6.76 -4.02
CA LYS B 74 12.89 5.80 -3.07
C LYS B 74 14.17 5.18 -3.60
N LEU B 75 14.30 5.04 -4.91
CA LEU B 75 15.49 4.48 -5.50
C LEU B 75 16.70 5.38 -5.33
N ARG B 76 16.50 6.63 -4.91
CA ARG B 76 17.66 7.50 -4.64
C ARG B 76 18.52 6.97 -3.51
N TRP B 77 17.97 6.07 -2.68
CA TRP B 77 18.66 5.51 -1.53
C TRP B 77 18.76 3.99 -1.66
N ARG B 78 18.75 3.49 -2.90
CA ARG B 78 18.71 2.05 -3.13
C ARG B 78 20.03 1.35 -2.73
N MET B 79 19.91 0.06 -2.43
CA MET B 79 21.01 -0.72 -1.89
C MET B 79 22.15 -0.85 -2.88
N GLU B 80 21.85 -0.72 -4.17
CA GLU B 80 22.87 -0.72 -5.21
C GLU B 80 23.88 0.41 -5.03
N LEU B 81 23.52 1.44 -4.26
CA LEU B 81 24.45 2.50 -3.91
C LEU B 81 25.09 2.30 -2.53
N GLY B 82 24.65 1.31 -1.75
CA GLY B 82 25.04 1.21 -0.35
C GLY B 82 26.41 0.62 -0.05
N GLY B 83 27.00 -0.11 -0.99
CA GLY B 83 28.34 -0.66 -0.77
C GLY B 83 28.36 -1.81 0.23
N ARG B 84 29.57 -2.09 0.73
CA ARG B 84 29.78 -3.29 1.54
C ARG B 84 29.15 -3.18 2.93
N ALA B 85 28.66 -2.01 3.30
CA ALA B 85 27.99 -1.86 4.60
C ALA B 85 26.65 -2.59 4.68
N TRP B 86 26.02 -2.87 3.53
CA TRP B 86 24.76 -3.63 3.46
C TRP B 86 23.60 -2.75 3.89
N ARG B 87 23.31 -1.74 3.07
CA ARG B 87 22.37 -0.69 3.41
C ARG B 87 21.61 -0.21 2.19
N GLY B 88 20.37 0.21 2.41
CA GLY B 88 19.61 0.98 1.44
C GLY B 88 18.26 0.34 1.12
N TYR B 89 17.57 1.00 0.18
CA TYR B 89 16.24 0.64 -0.24
C TYR B 89 16.24 -0.47 -1.28
N PHE B 90 15.26 -1.37 -1.16
CA PHE B 90 15.07 -2.33 -2.23
C PHE B 90 13.60 -2.33 -2.63
N PRO B 91 13.32 -2.38 -3.92
CA PRO B 91 11.95 -2.29 -4.41
C PRO B 91 11.24 -3.65 -4.48
N LEU B 92 9.94 -3.55 -4.71
CA LEU B 92 9.09 -4.72 -4.94
C LEU B 92 9.52 -5.47 -6.18
N GLY B 93 9.43 -6.79 -6.12
CA GLY B 93 9.54 -7.58 -7.32
C GLY B 93 8.42 -7.26 -8.28
N GLY B 94 8.64 -7.55 -9.55
CA GLY B 94 7.61 -7.35 -10.56
C GLY B 94 6.46 -8.31 -10.34
N GLU B 95 5.36 -8.09 -11.07
CA GLU B 95 4.14 -8.85 -10.79
C GLU B 95 4.15 -10.24 -11.42
N LEU B 96 3.69 -11.21 -10.63
CA LEU B 96 3.40 -12.57 -11.06
C LEU B 96 1.89 -12.74 -11.06
N THR B 97 1.43 -13.87 -11.60
CA THR B 97 0.03 -14.22 -11.42
C THR B 97 -0.35 -14.13 -9.95
N SER B 98 0.46 -14.75 -9.10
CA SER B 98 0.34 -14.66 -7.66
C SER B 98 1.73 -14.46 -7.07
N ASN B 99 1.94 -13.32 -6.45
CA ASN B 99 3.22 -13.03 -5.85
C ASN B 99 3.43 -13.90 -4.60
N ARG B 100 4.67 -13.97 -4.16
CA ARG B 100 4.96 -14.68 -2.92
C ARG B 100 4.25 -14.02 -1.74
N PRO B 101 3.96 -14.77 -0.69
CA PRO B 101 3.30 -14.14 0.48
C PRO B 101 4.21 -13.15 1.17
N ASP B 102 5.52 -13.24 0.96
CA ASP B 102 6.48 -12.32 1.58
C ASP B 102 6.96 -11.23 0.61
N TRP B 103 6.22 -11.00 -0.48
CA TRP B 103 6.49 -9.90 -1.41
C TRP B 103 6.50 -8.56 -0.69
N LYS B 104 7.61 -7.83 -0.82
CA LYS B 104 7.84 -6.65 -0.01
C LYS B 104 8.91 -5.76 -0.63
N GLU B 105 8.91 -4.52 -0.15
CA GLU B 105 10.00 -3.58 -0.33
C GLU B 105 10.57 -3.30 1.04
N GLY B 106 11.69 -2.59 1.08
CA GLY B 106 12.30 -2.36 2.39
C GLY B 106 13.50 -1.44 2.37
N LEU B 107 14.05 -1.27 3.58
CA LEU B 107 15.18 -0.40 3.85
C LEU B 107 16.12 -1.12 4.83
N TYR B 108 17.33 -1.42 4.37
CA TYR B 108 18.31 -2.07 5.21
C TYR B 108 19.14 -1.03 5.93
N LEU B 109 19.33 -1.25 7.23
CA LEU B 109 19.99 -0.33 8.14
C LEU B 109 20.93 -1.11 9.05
N GLY B 110 21.85 -0.38 9.67
CA GLY B 110 22.73 -0.97 10.65
C GLY B 110 23.29 0.15 11.48
N SER B 111 24.29 -0.17 12.29
CA SER B 111 24.92 0.85 13.11
C SER B 111 25.57 1.92 12.23
N GLU B 112 25.41 3.17 12.64
CA GLU B 112 25.98 4.29 11.90
C GLU B 112 27.46 4.45 12.24
N LEU B 113 28.35 4.02 11.33
CA LEU B 113 29.79 4.07 11.56
C LEU B 113 30.41 5.00 10.52
N ASP B 114 31.36 5.84 10.94
CA ASP B 114 31.99 6.76 10.02
C ASP B 114 33.33 6.21 9.54
N ALA B 115 33.98 7.01 8.67
CA ALA B 115 35.19 6.56 7.97
C ALA B 115 36.39 6.37 8.88
N GLU B 116 36.35 6.90 10.10
CA GLU B 116 37.44 6.67 11.05
C GLU B 116 37.29 5.36 11.80
N HIS B 117 36.12 4.71 11.75
CA HIS B 117 35.90 3.56 12.59
C HIS B 117 36.86 2.45 12.17
N PRO B 118 37.45 1.72 13.12
CA PRO B 118 38.46 0.71 12.75
C PRO B 118 37.99 -0.29 11.72
N GLU B 119 36.74 -0.72 11.83
CA GLU B 119 36.25 -1.72 10.88
C GLU B 119 36.01 -1.12 9.51
N VAL B 120 35.63 0.16 9.45
CA VAL B 120 35.46 0.81 8.16
C VAL B 120 36.82 1.05 7.52
N ARG B 121 37.82 1.41 8.34
CA ARG B 121 39.17 1.59 7.80
C ARG B 121 39.74 0.28 7.30
N ALA B 122 39.42 -0.83 7.98
CA ALA B 122 39.86 -2.16 7.57
C ALA B 122 39.07 -2.67 6.39
N GLY B 123 37.97 -2.02 6.05
CA GLY B 123 37.14 -2.47 4.94
C GLY B 123 36.32 -3.69 5.24
N THR B 124 35.98 -3.93 6.50
CA THR B 124 35.19 -5.11 6.86
C THR B 124 33.78 -5.05 6.29
N PRO B 125 33.28 -6.12 5.67
CA PRO B 125 31.89 -6.10 5.22
C PRO B 125 30.96 -5.84 6.39
N LEU B 126 29.82 -5.23 6.08
CA LEU B 126 28.70 -5.01 6.98
C LEU B 126 28.92 -3.86 7.95
N HIS B 127 29.97 -3.07 7.78
CA HIS B 127 30.27 -1.91 8.61
C HIS B 127 30.29 -0.66 7.75
N GLY B 128 29.58 0.38 8.19
CA GLY B 128 29.71 1.68 7.56
C GLY B 128 28.47 2.51 7.80
N ALA B 129 28.20 3.38 6.83
CA ALA B 129 27.15 4.37 6.99
C ALA B 129 25.83 3.92 6.36
N ASN B 130 24.74 4.36 6.99
CA ASN B 130 23.43 4.13 6.42
C ASN B 130 23.11 5.09 5.28
N LEU B 131 22.23 4.66 4.39
CA LEU B 131 21.56 5.56 3.45
C LEU B 131 20.24 6.02 4.05
N PHE B 132 20.15 7.32 4.35
CA PHE B 132 19.01 7.89 5.06
C PHE B 132 18.08 8.65 4.11
N PRO B 133 16.90 8.14 3.81
CA PRO B 133 15.99 8.90 2.93
C PRO B 133 15.64 10.26 3.52
N GLU B 134 15.44 11.23 2.63
CA GLU B 134 15.10 12.61 3.04
C GLU B 134 13.61 12.69 3.34
N VAL B 135 13.25 12.05 4.44
CA VAL B 135 11.96 12.20 5.09
C VAL B 135 12.21 12.91 6.41
N PRO B 136 11.65 14.10 6.64
CA PRO B 136 11.99 14.86 7.85
C PRO B 136 11.76 14.04 9.09
N GLY B 137 12.78 14.03 9.97
CA GLY B 137 12.70 13.30 11.21
C GLY B 137 13.11 11.84 11.13
N LEU B 138 13.16 11.25 9.94
CA LEU B 138 13.36 9.80 9.86
C LEU B 138 14.75 9.41 10.34
N ARG B 139 15.80 10.13 9.94
CA ARG B 139 17.15 9.75 10.36
C ARG B 139 17.26 9.70 11.87
N GLU B 140 16.80 10.77 12.54
CA GLU B 140 16.93 10.88 13.98
C GLU B 140 16.14 9.80 14.68
N THR B 141 14.93 9.51 14.16
CA THR B 141 14.06 8.50 14.74
C THR B 141 14.67 7.11 14.60
N LEU B 142 15.22 6.80 13.41
CA LEU B 142 15.89 5.53 13.20
C LEU B 142 17.04 5.33 14.17
N LEU B 143 17.89 6.35 14.33
CA LEU B 143 19.06 6.21 15.20
C LEU B 143 18.62 6.05 16.65
N GLU B 144 17.58 6.78 17.07
CA GLU B 144 17.09 6.67 18.44
C GLU B 144 16.44 5.31 18.69
N TYR B 145 15.70 4.79 17.73
CA TYR B 145 15.13 3.46 17.91
C TYR B 145 16.19 2.37 17.90
N LEU B 146 17.19 2.52 17.03
CA LEU B 146 18.26 1.53 16.96
C LEU B 146 18.99 1.45 18.31
N ASP B 147 19.28 2.61 18.88
CA ASP B 147 19.93 2.70 20.18
C ASP B 147 19.07 2.04 21.27
N ALA B 148 17.80 2.43 21.35
CA ALA B 148 16.98 1.94 22.43
C ALA B 148 16.74 0.44 22.32
N THR B 149 16.54 -0.07 21.10
CA THR B 149 16.26 -1.50 20.97
C THR B 149 17.51 -2.35 21.10
N THR B 150 18.66 -1.81 20.70
CA THR B 150 19.93 -2.50 20.97
C THR B 150 20.11 -2.72 22.47
N ARG B 151 19.74 -1.73 23.27
CA ARG B 151 19.86 -1.89 24.72
C ARG B 151 18.91 -2.97 25.24
N VAL B 152 17.71 -3.08 24.66
CA VAL B 152 16.83 -4.19 25.02
C VAL B 152 17.53 -5.53 24.75
N GLY B 153 18.18 -5.64 23.59
CA GLY B 153 18.86 -6.87 23.23
C GLY B 153 19.90 -7.27 24.26
N HIS B 154 20.74 -6.31 24.67
CA HIS B 154 21.72 -6.57 25.72
C HIS B 154 21.06 -7.16 26.96
N ARG B 155 19.97 -6.55 27.41
CA ARG B 155 19.31 -7.02 28.61
C ARG B 155 18.66 -8.38 28.38
N LEU B 156 18.08 -8.62 27.21
CA LEU B 156 17.55 -9.94 26.95
C LEU B 156 18.64 -11.01 26.97
N MET B 157 19.85 -10.68 26.50
CA MET B 157 20.90 -11.70 26.55
C MET B 157 21.28 -12.02 28.00
N GLU B 158 21.18 -11.04 28.89
CA GLU B 158 21.38 -11.30 30.32
C GLU B 158 20.32 -12.28 30.81
N GLY B 159 19.06 -12.06 30.40
CA GLY B 159 18.00 -12.98 30.79
C GLY B 159 18.24 -14.37 30.24
N ILE B 160 18.69 -14.45 28.98
CA ILE B 160 18.99 -15.75 28.39
C ILE B 160 20.11 -16.45 29.14
N ALA B 161 21.20 -15.71 29.43
CA ALA B 161 22.33 -16.29 30.16
C ALA B 161 21.89 -16.80 31.53
N LEU B 162 21.15 -15.96 32.26
CA LEU B 162 20.65 -16.40 33.56
C LEU B 162 19.75 -17.62 33.41
N GLY B 163 18.89 -17.62 32.40
CA GLY B 163 18.03 -18.77 32.18
C GLY B 163 18.78 -20.07 31.93
N LEU B 164 19.94 -19.99 31.28
CA LEU B 164 20.77 -21.15 31.02
C LEU B 164 21.62 -21.56 32.22
N GLY B 165 21.50 -20.86 33.34
CA GLY B 165 22.34 -21.13 34.49
C GLY B 165 23.69 -20.47 34.46
N LEU B 166 23.91 -19.51 33.56
CA LEU B 166 25.18 -18.85 33.40
C LEU B 166 25.19 -17.51 34.13
N GLU B 167 26.38 -16.93 34.22
CA GLU B 167 26.51 -15.55 34.67
C GLU B 167 25.82 -14.64 33.67
N ALA B 168 25.15 -13.59 34.17
CA ALA B 168 24.36 -12.73 33.30
C ALA B 168 25.19 -12.12 32.17
N ASP B 169 26.47 -11.87 32.41
CA ASP B 169 27.34 -11.24 31.44
C ASP B 169 27.99 -12.25 30.51
N TYR B 170 27.47 -13.47 30.43
CA TYR B 170 28.14 -14.52 29.67
C TYR B 170 28.38 -14.07 28.23
N PHE B 171 27.33 -13.56 27.57
CA PHE B 171 27.45 -13.17 26.18
C PHE B 171 28.17 -11.84 26.02
N ALA B 172 27.86 -10.88 26.88
CA ALA B 172 28.50 -9.58 26.79
C ALA B 172 30.01 -9.69 26.96
N ALA B 173 30.46 -10.61 27.80
CA ALA B 173 31.89 -10.75 28.07
C ALA B 173 32.64 -11.44 26.95
N ARG B 174 31.94 -12.15 26.08
CA ARG B 174 32.57 -12.99 25.07
C ARG B 174 32.29 -12.51 23.66
N TYR B 175 31.02 -12.20 23.35
CA TYR B 175 30.58 -12.11 21.98
C TYR B 175 29.82 -10.84 21.62
N THR B 176 29.07 -10.27 22.57
CA THR B 176 28.10 -9.24 22.25
C THR B 176 28.35 -7.90 22.93
N GLY B 177 29.54 -7.69 23.50
CA GLY B 177 29.85 -6.39 24.05
C GLY B 177 29.83 -5.29 23.00
N ASP B 178 30.23 -5.63 21.77
CA ASP B 178 30.17 -4.73 20.60
C ASP B 178 29.44 -5.49 19.51
N PRO B 179 28.12 -5.60 19.61
CA PRO B 179 27.37 -6.54 18.76
C PRO B 179 27.21 -6.06 17.33
N LEU B 180 26.95 -7.02 16.45
CA LEU B 180 26.51 -6.72 15.09
C LEU B 180 25.00 -6.50 15.12
N ILE B 181 24.55 -5.29 14.80
CA ILE B 181 23.14 -4.93 14.80
C ILE B 181 22.67 -4.75 13.37
N LEU B 182 21.67 -5.54 12.98
CA LEU B 182 21.08 -5.45 11.64
C LEU B 182 19.62 -5.06 11.80
N PHE B 183 19.23 -3.97 11.15
CA PHE B 183 17.87 -3.42 11.33
C PHE B 183 17.22 -3.29 9.95
N ARG B 184 15.98 -3.71 9.84
CA ARG B 184 15.26 -3.59 8.57
C ARG B 184 13.89 -2.97 8.76
N LEU B 185 13.49 -2.13 7.81
CA LEU B 185 12.11 -1.72 7.66
C LEU B 185 11.51 -2.45 6.45
N PHE B 186 10.51 -3.27 6.68
CA PHE B 186 9.86 -3.99 5.61
C PHE B 186 8.44 -3.49 5.41
N ASN B 187 8.03 -3.37 4.15
CA ASN B 187 6.67 -2.95 3.81
C ASN B 187 6.08 -3.97 2.84
N TYR B 188 5.01 -4.64 3.28
CA TYR B 188 4.33 -5.65 2.49
C TYR B 188 3.04 -5.07 1.93
N PRO B 189 2.97 -4.73 0.65
CA PRO B 189 1.72 -4.20 0.12
C PRO B 189 0.67 -5.29 0.07
N SER B 190 -0.59 -4.87 0.10
CA SER B 190 -1.64 -5.85 -0.04
C SER B 190 -1.72 -6.34 -1.47
N GLN B 191 -2.14 -7.61 -1.58
CA GLN B 191 -2.21 -8.38 -2.80
C GLN B 191 -3.59 -8.99 -2.97
N PRO B 192 -3.99 -9.25 -4.21
CA PRO B 192 -5.22 -10.01 -4.42
C PRO B 192 -5.19 -11.37 -3.76
N VAL B 193 -6.34 -11.79 -3.26
CA VAL B 193 -6.49 -13.18 -2.82
C VAL B 193 -6.31 -14.10 -4.02
N PRO B 194 -5.49 -15.15 -3.94
CA PRO B 194 -5.28 -16.01 -5.12
C PRO B 194 -6.56 -16.67 -5.58
N GLU B 195 -6.61 -16.95 -6.87
CA GLU B 195 -7.67 -17.73 -7.47
C GLU B 195 -7.25 -19.19 -7.50
N GLY B 196 -8.19 -20.08 -7.25
CA GLY B 196 -7.79 -21.47 -7.25
C GLY B 196 -7.00 -21.78 -5.99
N LEU B 197 -6.19 -22.83 -6.06
CA LEU B 197 -5.39 -23.20 -4.92
C LEU B 197 -4.18 -22.27 -4.84
N ASP B 198 -3.82 -21.88 -3.61
CA ASP B 198 -2.73 -20.93 -3.40
C ASP B 198 -1.42 -21.67 -3.62
N VAL B 199 -0.85 -21.51 -4.82
CA VAL B 199 0.40 -22.18 -5.17
C VAL B 199 1.56 -21.68 -4.30
N GLN B 200 1.48 -20.42 -3.85
CA GLN B 200 2.58 -19.83 -3.08
C GLN B 200 2.44 -20.07 -1.58
N TRP B 201 1.54 -20.93 -1.15
CA TRP B 201 1.26 -21.07 0.27
C TRP B 201 2.49 -21.52 1.05
N GLY B 202 2.69 -20.92 2.23
CA GLY B 202 3.76 -21.30 3.11
C GLY B 202 5.14 -20.93 2.63
N VAL B 203 5.25 -20.30 1.47
CA VAL B 203 6.56 -19.90 0.96
C VAL B 203 7.16 -18.84 1.87
N GLY B 204 8.45 -18.94 2.10
CA GLY B 204 9.14 -17.99 2.92
C GLY B 204 9.38 -18.44 4.34
N GLU B 205 8.85 -19.59 4.74
CA GLU B 205 9.21 -20.18 6.03
C GLU B 205 10.73 -20.25 6.16
N HIS B 206 11.25 -19.79 7.31
CA HIS B 206 12.68 -19.77 7.55
C HIS B 206 12.92 -19.67 9.05
N THR B 207 14.15 -20.00 9.45
CA THR B 207 14.67 -19.61 10.77
C THR B 207 15.70 -18.52 10.58
N ASP B 208 15.89 -17.72 11.63
CA ASP B 208 16.90 -16.67 11.67
C ASP B 208 18.28 -17.26 11.98
N TYR B 209 19.33 -16.47 11.67
CA TYR B 209 20.69 -17.01 11.63
C TYR B 209 21.47 -16.87 12.94
N GLY B 210 21.17 -15.86 13.74
CA GLY B 210 22.08 -15.40 14.75
C GLY B 210 21.62 -15.66 16.17
N LEU B 211 21.67 -14.64 17.01
CA LEU B 211 21.29 -14.83 18.41
C LEU B 211 19.82 -14.49 18.63
N LEU B 212 19.48 -13.21 18.43
CA LEU B 212 18.22 -12.64 18.88
C LEU B 212 17.58 -11.79 17.78
N THR B 213 16.27 -11.93 17.62
CA THR B 213 15.47 -11.02 16.80
C THR B 213 14.49 -10.30 17.70
N LEU B 214 14.38 -8.98 17.54
CA LEU B 214 13.40 -8.14 18.22
C LEU B 214 12.55 -7.47 17.15
N LEU B 215 11.27 -7.84 17.08
CA LEU B 215 10.36 -7.42 16.04
C LEU B 215 9.32 -6.45 16.55
N HIS B 216 9.17 -5.33 15.86
CA HIS B 216 8.00 -4.47 16.01
C HIS B 216 7.05 -4.75 14.85
N GLN B 217 5.81 -5.08 15.18
CA GLN B 217 4.75 -5.29 14.19
C GLN B 217 3.75 -4.15 14.23
N ASP B 218 3.26 -3.73 13.04
CA ASP B 218 2.15 -2.79 13.02
C ASP B 218 0.87 -3.57 13.34
N ALA B 219 -0.30 -2.93 13.20
CA ALA B 219 -1.55 -3.49 13.65
C ALA B 219 -2.09 -4.55 12.70
N ILE B 220 -1.48 -4.74 11.53
CA ILE B 220 -2.06 -5.64 10.55
C ILE B 220 -1.70 -7.08 10.86
N GLY B 221 -0.48 -7.33 11.26
CA GLY B 221 -0.11 -8.67 11.61
C GLY B 221 -0.08 -9.64 10.43
N GLY B 222 0.12 -10.90 10.79
CA GLY B 222 0.40 -11.91 9.80
C GLY B 222 1.60 -12.79 10.10
N LEU B 223 2.25 -12.57 11.23
CA LEU B 223 3.33 -13.46 11.64
C LEU B 223 2.79 -14.81 12.10
N GLN B 224 3.39 -15.87 11.58
CA GLN B 224 2.99 -17.23 11.88
C GLN B 224 4.23 -18.02 12.28
N VAL B 225 4.11 -18.76 13.38
CA VAL B 225 5.23 -19.45 14.02
C VAL B 225 4.92 -20.94 14.08
N ARG B 226 5.90 -21.76 13.69
CA ARG B 226 5.76 -23.22 13.74
C ARG B 226 6.42 -23.76 15.02
N THR B 227 5.68 -23.65 16.13
CA THR B 227 6.12 -24.26 17.37
C THR B 227 6.08 -25.78 17.26
N PRO B 228 6.76 -26.49 18.16
CA PRO B 228 6.68 -27.95 18.14
C PRO B 228 5.26 -28.48 18.22
N GLN B 229 4.33 -27.71 18.77
CA GLN B 229 2.95 -28.15 18.88
C GLN B 229 2.06 -27.51 17.84
N GLY B 230 2.62 -26.98 16.76
CA GLY B 230 1.85 -26.61 15.59
C GLY B 230 1.98 -25.14 15.21
N TRP B 231 1.42 -24.83 14.05
CA TRP B 231 1.46 -23.45 13.56
C TRP B 231 0.60 -22.55 14.43
N LEU B 232 1.17 -21.44 14.87
CA LEU B 232 0.51 -20.48 15.75
C LEU B 232 0.53 -19.10 15.11
N GLU B 233 -0.57 -18.37 15.29
CA GLU B 233 -0.62 -16.95 15.00
C GLU B 233 0.07 -16.18 16.10
N ALA B 234 0.81 -15.15 15.72
CA ALA B 234 1.47 -14.27 16.66
C ALA B 234 0.91 -12.87 16.39
N PRO B 235 -0.30 -12.56 16.81
CA PRO B 235 -0.89 -11.28 16.45
C PRO B 235 -0.14 -10.13 17.08
N PRO B 236 -0.31 -8.93 16.53
CA PRO B 236 0.31 -7.76 17.15
C PRO B 236 -0.30 -7.48 18.52
N ILE B 237 0.59 -7.18 19.48
CA ILE B 237 0.15 -6.72 20.79
C ILE B 237 0.76 -5.34 21.04
N PRO B 238 -0.03 -4.28 21.12
CA PRO B 238 0.54 -2.97 21.38
C PRO B 238 1.32 -2.96 22.68
N GLY B 239 2.52 -2.38 22.65
CA GLY B 239 3.40 -2.34 23.79
C GLY B 239 4.42 -3.45 23.86
N SER B 240 4.38 -4.36 22.91
CA SER B 240 5.26 -5.53 22.90
C SER B 240 6.18 -5.49 21.69
N PHE B 241 7.29 -6.20 21.83
CA PHE B 241 8.08 -6.71 20.72
C PHE B 241 7.90 -8.21 20.70
N VAL B 242 8.00 -8.82 19.52
CA VAL B 242 8.08 -10.27 19.43
C VAL B 242 9.55 -10.63 19.34
N CYS B 243 10.00 -11.53 20.21
CA CYS B 243 11.37 -11.98 20.24
CA CYS B 243 11.38 -11.97 20.24
C CYS B 243 11.49 -13.44 19.85
N ASN B 244 12.55 -13.77 19.09
CA ASN B 244 12.83 -15.16 18.80
C ASN B 244 14.34 -15.33 18.64
N LEU B 245 14.77 -16.58 18.78
CA LEU B 245 16.17 -16.92 18.71
C LEU B 245 16.54 -17.42 17.33
N GLY B 246 17.83 -17.30 17.02
CA GLY B 246 18.36 -17.77 15.77
C GLY B 246 19.21 -19.02 15.90
N ASP B 247 19.61 -19.50 14.73
CA ASP B 247 20.30 -20.78 14.60
C ASP B 247 21.56 -20.83 15.44
N MET B 248 22.34 -19.75 15.47
CA MET B 248 23.59 -19.76 16.22
C MET B 248 23.33 -19.99 17.70
N LEU B 249 22.34 -19.30 18.26
CA LEU B 249 22.05 -19.50 19.67
C LEU B 249 21.54 -20.91 19.94
N GLU B 250 20.67 -21.45 19.08
CA GLU B 250 20.23 -22.82 19.26
C GLU B 250 21.42 -23.77 19.31
N ARG B 251 22.34 -23.63 18.36
CA ARG B 251 23.40 -24.64 18.25
C ARG B 251 24.45 -24.46 19.33
N MET B 252 24.70 -23.22 19.75
CA MET B 252 25.62 -23.05 20.87
C MET B 252 25.03 -23.55 22.20
N THR B 253 23.72 -23.73 22.31
CA THR B 253 23.13 -24.36 23.49
C THR B 253 22.94 -25.87 23.31
N GLY B 254 23.50 -26.46 22.26
CA GLY B 254 23.33 -27.88 22.04
C GLY B 254 21.90 -28.27 21.72
N GLY B 255 21.09 -27.34 21.21
CA GLY B 255 19.70 -27.63 20.91
C GLY B 255 18.75 -27.38 22.05
N LEU B 256 19.25 -26.95 23.21
CA LEU B 256 18.40 -26.72 24.37
C LEU B 256 17.42 -25.57 24.14
N TYR B 257 17.87 -24.48 23.53
CA TYR B 257 17.02 -23.34 23.20
C TYR B 257 16.75 -23.38 21.70
N ARG B 258 15.50 -23.09 21.31
CA ARG B 258 15.03 -23.36 19.95
C ARG B 258 15.12 -22.16 19.01
N SER B 259 15.65 -22.41 17.82
CA SER B 259 15.46 -21.51 16.68
C SER B 259 14.25 -22.00 15.89
N THR B 260 13.16 -21.23 15.96
CA THR B 260 11.88 -21.74 15.51
C THR B 260 11.50 -21.18 14.16
N PRO B 261 11.03 -22.02 13.23
CA PRO B 261 10.67 -21.50 11.91
C PRO B 261 9.47 -20.58 11.99
N HIS B 262 9.40 -19.67 11.04
CA HIS B 262 8.28 -18.73 10.99
C HIS B 262 8.16 -18.20 9.56
N ARG B 263 7.01 -17.57 9.30
CA ARG B 263 6.67 -17.06 7.98
C ARG B 263 5.68 -15.93 8.15
N VAL B 264 5.31 -15.27 7.05
CA VAL B 264 4.26 -14.26 7.09
C VAL B 264 3.12 -14.71 6.18
N ALA B 265 1.90 -14.47 6.64
CA ALA B 265 0.73 -14.66 5.81
C ALA B 265 0.70 -13.58 4.74
N ARG B 266 0.12 -13.92 3.59
CA ARG B 266 -0.10 -12.96 2.53
C ARG B 266 -0.99 -11.83 3.00
N ASN B 267 -0.54 -10.61 2.81
CA ASN B 267 -1.35 -9.44 3.13
C ASN B 267 -2.35 -9.23 2.01
N THR B 268 -3.65 -9.38 2.33
CA THR B 268 -4.73 -9.09 1.40
C THR B 268 -5.68 -8.05 2.00
N SER B 269 -5.21 -7.30 2.99
CA SER B 269 -6.05 -6.43 3.82
C SER B 269 -6.39 -5.09 3.20
N GLY B 270 -5.80 -4.75 2.05
CA GLY B 270 -6.04 -3.48 1.42
C GLY B 270 -5.17 -2.35 1.90
N ARG B 271 -4.36 -2.58 2.93
CA ARG B 271 -3.46 -1.58 3.50
C ARG B 271 -2.08 -2.18 3.62
N ASP B 272 -1.04 -1.36 3.36
CA ASP B 272 0.34 -1.85 3.43
C ASP B 272 0.69 -2.25 4.87
N ARG B 273 1.43 -3.34 5.03
CA ARG B 273 1.81 -3.88 6.35
C ARG B 273 3.27 -3.57 6.61
N LEU B 274 3.55 -2.89 7.73
CA LEU B 274 4.91 -2.56 8.15
C LEU B 274 5.39 -3.51 9.23
N SER B 275 6.61 -4.01 9.07
CA SER B 275 7.27 -4.88 10.05
C SER B 275 8.74 -4.50 10.16
N PHE B 276 9.25 -4.41 11.39
CA PHE B 276 10.59 -3.89 11.65
C PHE B 276 11.41 -4.86 12.51
N PRO B 277 12.12 -5.80 11.89
CA PRO B 277 12.97 -6.71 12.68
C PRO B 277 14.32 -6.10 12.98
N LEU B 278 14.77 -6.27 14.22
CA LEU B 278 16.13 -5.94 14.62
C LEU B 278 16.84 -7.22 15.04
N PHE B 279 17.94 -7.49 14.39
CA PHE B 279 18.76 -8.68 14.66
C PHE B 279 19.94 -8.28 15.53
N PHE B 280 20.09 -8.96 16.65
CA PHE B 280 21.12 -8.70 17.66
C PHE B 280 22.07 -9.89 17.58
N ASP B 281 23.22 -9.69 16.97
CA ASP B 281 24.17 -10.76 16.66
C ASP B 281 25.54 -10.59 17.31
N PRO B 282 26.37 -11.63 17.33
CA PRO B 282 27.74 -11.46 17.83
C PRO B 282 28.52 -10.44 17.01
N ASN B 283 29.54 -9.85 17.65
CA ASN B 283 30.54 -9.10 16.92
C ASN B 283 30.98 -9.85 15.69
N PHE B 284 31.25 -9.11 14.61
CA PHE B 284 31.66 -9.71 13.35
C PHE B 284 32.86 -10.65 13.53
N HIS B 285 33.80 -10.27 14.39
CA HIS B 285 35.00 -11.07 14.57
C HIS B 285 34.92 -12.06 15.73
N ALA B 286 33.78 -12.16 16.40
CA ALA B 286 33.61 -13.18 17.43
C ALA B 286 33.86 -14.58 16.86
N ARG B 287 34.58 -15.39 17.63
CA ARG B 287 34.76 -16.80 17.31
C ARG B 287 33.88 -17.56 18.29
N VAL B 288 32.65 -17.83 17.87
CA VAL B 288 31.66 -18.43 18.77
C VAL B 288 32.03 -19.87 19.05
N GLN B 289 31.80 -20.30 20.29
CA GLN B 289 32.05 -21.67 20.70
C GLN B 289 30.78 -22.23 21.34
N PRO B 290 30.60 -23.54 21.34
CA PRO B 290 29.49 -24.14 22.08
C PRO B 290 29.60 -23.76 23.56
N ILE B 291 28.45 -23.56 24.20
CA ILE B 291 28.41 -23.21 25.60
C ILE B 291 28.69 -24.46 26.42
N GLU B 292 29.64 -24.36 27.35
CA GLU B 292 30.00 -25.45 28.23
C GLU B 292 29.03 -25.50 29.41
N GLY B 293 28.94 -26.69 30.03
CA GLY B 293 28.18 -26.82 31.26
C GLY B 293 26.68 -26.81 31.12
N LEU B 294 26.16 -27.24 29.98
CA LEU B 294 24.72 -27.33 29.81
C LEU B 294 24.27 -28.78 29.75
N PRO B 295 23.02 -29.05 30.11
CA PRO B 295 22.50 -30.43 30.00
C PRO B 295 22.38 -30.84 28.54
N GLU B 296 22.72 -32.10 28.27
CA GLU B 296 22.63 -32.62 26.91
C GLU B 296 21.18 -32.84 26.51
N VAL B 297 20.83 -32.41 25.31
CA VAL B 297 19.50 -32.61 24.74
C VAL B 297 19.58 -33.89 23.91
N PRO B 298 18.60 -34.78 24.01
CA PRO B 298 18.66 -36.04 23.27
C PRO B 298 18.61 -35.81 21.75
N GLU B 299 19.27 -36.71 21.04
CA GLU B 299 19.15 -36.86 19.59
C GLU B 299 19.50 -35.57 18.86
N GLN B 300 20.64 -34.98 19.24
CA GLN B 300 21.15 -33.79 18.57
C GLN B 300 22.46 -34.04 17.82
N ASP B 301 23.14 -35.16 18.06
CA ASP B 301 24.43 -35.40 17.41
C ASP B 301 24.33 -35.23 15.90
N ASP B 302 23.37 -35.93 15.28
CA ASP B 302 23.29 -35.91 13.82
C ASP B 302 22.97 -34.50 13.32
N SER B 303 21.99 -33.86 13.94
CA SER B 303 21.64 -32.48 13.57
C SER B 303 22.83 -31.55 13.79
N ALA B 304 23.55 -31.71 14.89
CA ALA B 304 24.67 -30.83 15.17
C ALA B 304 25.77 -30.99 14.13
N ARG B 305 26.08 -32.23 13.76
CA ARG B 305 27.14 -32.43 12.78
C ARG B 305 26.73 -31.93 11.39
N ARG B 306 25.49 -32.19 10.98
CA ARG B 306 25.03 -31.67 9.70
C ARG B 306 25.12 -30.16 9.67
N TRP B 307 24.72 -29.50 10.76
CA TRP B 307 24.76 -28.05 10.78
C TRP B 307 26.19 -27.55 10.76
N ASP B 308 27.08 -28.21 11.52
CA ASP B 308 28.48 -27.81 11.55
C ASP B 308 29.08 -27.82 10.14
N GLN B 309 28.79 -28.86 9.37
CA GLN B 309 29.36 -28.99 8.03
C GLN B 309 28.76 -27.98 7.07
N ALA B 310 27.52 -27.59 7.29
CA ALA B 310 26.90 -26.58 6.46
C ALA B 310 27.24 -25.17 6.91
N ASN B 311 27.93 -25.02 8.03
CA ASN B 311 28.19 -23.71 8.61
C ASN B 311 29.58 -23.70 9.27
N VAL B 312 30.60 -23.97 8.45
CA VAL B 312 31.95 -24.16 8.98
C VAL B 312 32.39 -22.99 9.84
N HIS B 313 32.06 -21.76 9.44
CA HIS B 313 32.62 -20.60 10.16
C HIS B 313 31.99 -20.40 11.55
N ALA B 314 30.86 -21.03 11.82
CA ALA B 314 30.15 -20.79 13.07
C ALA B 314 31.00 -21.18 14.26
N PHE B 315 31.57 -22.40 14.25
CA PHE B 315 32.37 -22.90 15.36
C PHE B 315 33.83 -23.11 14.98
N HIS B 316 34.20 -22.81 13.74
CA HIS B 316 35.59 -22.89 13.29
C HIS B 316 36.12 -21.57 12.75
N GLY B 317 35.39 -20.48 12.91
CA GLY B 317 35.86 -19.22 12.41
C GLY B 317 35.08 -18.07 13.01
N GLU B 318 34.99 -16.98 12.26
CA GLU B 318 34.41 -15.75 12.77
C GLU B 318 32.95 -15.63 12.37
N TYR B 319 32.17 -15.03 13.27
CA TYR B 319 30.73 -14.95 13.07
C TYR B 319 30.39 -14.26 11.75
N GLY B 320 31.10 -13.19 11.43
CA GLY B 320 30.81 -12.47 10.20
C GLY B 320 30.93 -13.34 8.96
N ASP B 321 31.90 -14.27 8.94
CA ASP B 321 32.03 -15.16 7.79
C ASP B 321 30.91 -16.19 7.76
N TYR B 322 30.44 -16.63 8.94
CA TYR B 322 29.26 -17.49 8.98
C TYR B 322 28.07 -16.77 8.37
N LEU B 323 27.89 -15.51 8.73
CA LEU B 323 26.75 -14.77 8.20
C LEU B 323 26.90 -14.48 6.72
N LEU B 324 28.09 -14.03 6.29
CA LEU B 324 28.28 -13.80 4.86
C LEU B 324 28.03 -15.06 4.05
N ASN B 325 28.35 -16.23 4.61
CA ASN B 325 28.10 -17.46 3.86
C ASN B 325 26.61 -17.65 3.59
N LYS B 326 25.77 -17.07 4.44
CA LYS B 326 24.35 -17.12 4.21
C LYS B 326 23.89 -16.16 3.11
N VAL B 327 24.43 -14.94 3.08
CA VAL B 327 23.84 -13.86 2.31
C VAL B 327 24.73 -13.32 1.19
N ALA B 328 26.01 -13.66 1.16
CA ALA B 328 26.86 -13.00 0.16
C ALA B 328 26.42 -13.32 -1.26
N LYS B 329 25.82 -14.49 -1.49
CA LYS B 329 25.39 -14.87 -2.84
C LYS B 329 24.30 -13.94 -3.37
N VAL B 330 23.42 -13.47 -2.50
CA VAL B 330 22.33 -12.58 -2.90
C VAL B 330 22.80 -11.14 -3.00
N PHE B 331 23.84 -10.79 -2.25
CA PHE B 331 24.34 -9.42 -2.19
C PHE B 331 25.83 -9.41 -2.54
N PRO B 332 26.15 -9.37 -3.83
CA PRO B 332 27.57 -9.44 -4.24
C PRO B 332 28.40 -8.26 -3.79
N GLN B 333 27.78 -7.13 -3.43
CA GLN B 333 28.55 -5.98 -3.00
C GLN B 333 29.23 -6.23 -1.66
N LEU B 334 28.81 -7.24 -0.92
CA LEU B 334 29.35 -7.39 0.45
C LEU B 334 30.81 -7.79 0.44
N ARG B 335 31.20 -8.63 -0.51
CA ARG B 335 32.58 -9.07 -0.61
C ARG B 335 33.28 -8.42 -1.79
N ARG B 336 32.70 -7.38 -2.36
CA ARG B 336 33.33 -6.66 -3.45
C ARG B 336 34.48 -5.82 -2.91
N ASP B 337 35.60 -5.84 -3.63
CA ASP B 337 36.76 -5.03 -3.31
C ASP B 337 36.86 -3.82 -4.24
N LEU B 338 37.54 -2.81 -3.77
CA LEU B 338 37.83 -1.62 -4.54
C LEU B 338 39.09 -1.85 -5.38
#